data_2YSF
#
_entry.id   2YSF
#
_entity_poly.entity_id   1
_entity_poly.type   'polypeptide(L)'
_entity_poly.pdbx_seq_one_letter_code
;GSSGSSGLPEGWEMRFTVDGIPYFVDHNRRTTTYIDPRTG
;
_entity_poly.pdbx_strand_id   A
#
# COMPACT_ATOMS: atom_id res chain seq x y z
N GLY A 1 4.89 -6.74 14.40
CA GLY A 1 3.72 -7.02 15.23
C GLY A 1 2.43 -6.60 14.57
N SER A 2 1.36 -6.52 15.37
CA SER A 2 0.05 -6.13 14.85
C SER A 2 0.13 -4.75 14.19
N SER A 3 -0.36 -4.67 12.95
CA SER A 3 -0.34 -3.43 12.21
C SER A 3 -1.74 -3.10 11.66
N GLY A 4 -2.03 -1.81 11.51
CA GLY A 4 -3.32 -1.40 11.00
C GLY A 4 -3.20 -0.57 9.74
N SER A 5 -4.17 0.30 9.51
CA SER A 5 -4.19 1.15 8.32
C SER A 5 -3.77 2.58 8.67
N SER A 6 -2.53 2.92 8.36
CA SER A 6 -2.01 4.25 8.64
C SER A 6 -2.95 5.33 8.09
N GLY A 7 -3.17 5.31 6.79
CA GLY A 7 -4.05 6.29 6.17
C GLY A 7 -3.80 6.43 4.67
N LEU A 8 -4.05 5.35 3.94
CA LEU A 8 -3.84 5.35 2.49
C LEU A 8 -5.10 5.85 1.77
N PRO A 9 -4.91 6.38 0.56
CA PRO A 9 -6.01 6.90 -0.27
C PRO A 9 -6.91 5.78 -0.79
N GLU A 10 -7.95 6.16 -1.53
CA GLU A 10 -8.88 5.18 -2.10
C GLU A 10 -8.21 4.38 -3.21
N GLY A 11 -8.30 3.05 -3.11
CA GLY A 11 -7.70 2.20 -4.12
C GLY A 11 -6.36 1.63 -3.67
N TRP A 12 -5.56 2.47 -3.01
CA TRP A 12 -4.25 2.04 -2.54
C TRP A 12 -4.39 1.15 -1.30
N GLU A 13 -3.74 -0.01 -1.33
CA GLU A 13 -3.78 -0.94 -0.22
C GLU A 13 -2.38 -1.21 0.31
N MET A 14 -2.31 -1.69 1.55
CA MET A 14 -1.03 -1.99 2.18
C MET A 14 -0.86 -3.50 2.39
N ARG A 15 0.26 -4.03 1.94
CA ARG A 15 0.53 -5.46 2.07
C ARG A 15 2.04 -5.74 2.06
N PHE A 16 2.41 -6.97 2.37
CA PHE A 16 3.81 -7.36 2.40
C PHE A 16 4.02 -8.70 1.70
N THR A 17 5.07 -8.79 0.90
CA THR A 17 5.38 -10.01 0.17
C THR A 17 5.83 -11.12 1.12
N VAL A 18 5.86 -12.35 0.62
CA VAL A 18 6.27 -13.49 1.41
C VAL A 18 7.45 -13.15 2.32
N ASP A 19 8.43 -12.45 1.75
CA ASP A 19 9.62 -12.06 2.49
C ASP A 19 9.27 -11.01 3.55
N GLY A 20 8.32 -10.14 3.22
CA GLY A 20 7.92 -9.10 4.16
C GLY A 20 8.36 -7.72 3.72
N ILE A 21 8.19 -7.42 2.43
CA ILE A 21 8.58 -6.13 1.89
C ILE A 21 7.40 -5.17 1.86
N PRO A 22 7.64 -3.90 2.22
CA PRO A 22 6.61 -2.87 2.22
C PRO A 22 6.17 -2.47 0.82
N TYR A 23 5.03 -3.00 0.40
CA TYR A 23 4.49 -2.71 -0.92
C TYR A 23 3.00 -2.43 -0.86
N PHE A 24 2.50 -1.64 -1.81
CA PHE A 24 1.09 -1.29 -1.86
C PHE A 24 0.43 -1.88 -3.10
N VAL A 25 -0.87 -2.15 -3.01
CA VAL A 25 -1.62 -2.71 -4.11
C VAL A 25 -2.82 -1.83 -4.48
N ASP A 26 -2.96 -1.54 -5.77
CA ASP A 26 -4.06 -0.71 -6.24
C ASP A 26 -5.20 -1.58 -6.78
N HIS A 27 -6.40 -1.37 -6.23
CA HIS A 27 -7.57 -2.13 -6.64
C HIS A 27 -8.15 -1.57 -7.94
N ASN A 28 -8.18 -0.25 -8.04
CA ASN A 28 -8.72 0.42 -9.22
C ASN A 28 -7.76 0.28 -10.40
N ARG A 29 -6.50 0.61 -10.17
CA ARG A 29 -5.48 0.52 -11.21
C ARG A 29 -5.06 -0.93 -11.45
N ARG A 30 -5.23 -1.76 -10.42
CA ARG A 30 -4.88 -3.17 -10.52
C ARG A 30 -3.40 -3.34 -10.85
N THR A 31 -2.55 -2.57 -10.15
CA THR A 31 -1.12 -2.63 -10.37
C THR A 31 -0.36 -2.69 -9.05
N THR A 32 0.95 -2.93 -9.12
CA THR A 32 1.78 -3.01 -7.94
C THR A 32 3.03 -2.15 -8.08
N THR A 33 3.37 -1.41 -7.03
CA THR A 33 4.54 -0.54 -7.04
C THR A 33 5.22 -0.52 -5.68
N TYR A 34 6.53 -0.29 -5.68
CA TYR A 34 7.29 -0.24 -4.44
C TYR A 34 7.21 1.14 -3.80
N ILE A 35 7.23 2.17 -4.65
CA ILE A 35 7.15 3.54 -4.16
C ILE A 35 5.87 3.78 -3.37
N ASP A 36 5.99 4.52 -2.27
CA ASP A 36 4.84 4.83 -1.42
C ASP A 36 4.00 5.94 -2.04
N PRO A 37 2.67 5.81 -1.91
CA PRO A 37 1.72 6.81 -2.44
C PRO A 37 1.77 8.12 -1.67
N ARG A 38 1.67 8.03 -0.35
CA ARG A 38 1.70 9.21 0.50
C ARG A 38 2.98 10.01 0.28
N THR A 39 4.12 9.37 0.53
CA THR A 39 5.42 10.01 0.36
C THR A 39 5.66 10.38 -1.10
N GLY A 40 5.76 9.36 -1.95
CA GLY A 40 6.00 9.60 -3.37
C GLY A 40 7.48 9.71 -3.70
N GLY A 1 5.77 -6.12 19.71
CA GLY A 1 5.93 -4.75 19.26
C GLY A 1 4.74 -4.28 18.45
N SER A 2 3.92 -3.42 19.05
CA SER A 2 2.74 -2.89 18.37
C SER A 2 3.09 -1.64 17.57
N SER A 3 2.33 -1.40 16.50
CA SER A 3 2.55 -0.23 15.66
C SER A 3 1.33 0.68 15.64
N GLY A 4 1.44 1.80 14.94
CA GLY A 4 0.34 2.73 14.85
C GLY A 4 -0.54 2.49 13.64
N SER A 5 -1.56 3.32 13.48
CA SER A 5 -2.47 3.19 12.35
C SER A 5 -1.84 3.72 11.07
N SER A 6 -2.57 3.59 9.96
CA SER A 6 -2.08 4.06 8.66
C SER A 6 -3.13 4.90 7.96
N GLY A 7 -2.67 5.89 7.18
CA GLY A 7 -3.58 6.74 6.46
C GLY A 7 -3.29 6.78 4.97
N LEU A 8 -3.77 5.78 4.25
CA LEU A 8 -3.55 5.70 2.82
C LEU A 8 -4.77 6.20 2.05
N PRO A 9 -4.55 6.65 0.80
CA PRO A 9 -5.62 7.17 -0.06
C PRO A 9 -6.56 6.06 -0.51
N GLU A 10 -7.71 6.46 -1.06
CA GLU A 10 -8.70 5.50 -1.55
C GLU A 10 -8.12 4.64 -2.68
N GLY A 11 -8.24 3.34 -2.53
CA GLY A 11 -7.73 2.42 -3.52
C GLY A 11 -6.40 1.80 -3.13
N TRP A 12 -5.52 2.61 -2.57
CA TRP A 12 -4.21 2.14 -2.14
C TRP A 12 -4.32 1.30 -0.87
N GLU A 13 -3.66 0.14 -0.87
CA GLU A 13 -3.69 -0.75 0.28
C GLU A 13 -2.29 -1.14 0.70
N MET A 14 -2.13 -1.50 1.97
CA MET A 14 -0.83 -1.89 2.51
C MET A 14 -0.72 -3.41 2.60
N ARG A 15 0.39 -3.95 2.08
CA ARG A 15 0.62 -5.39 2.10
C ARG A 15 2.10 -5.70 2.10
N PHE A 16 2.44 -6.97 2.32
CA PHE A 16 3.83 -7.40 2.34
C PHE A 16 3.99 -8.77 1.68
N THR A 17 5.03 -8.90 0.86
CA THR A 17 5.29 -10.16 0.17
C THR A 17 5.73 -11.24 1.15
N VAL A 18 5.82 -12.47 0.65
CA VAL A 18 6.23 -13.60 1.48
C VAL A 18 7.43 -13.24 2.35
N ASP A 19 8.40 -12.55 1.76
CA ASP A 19 9.59 -12.13 2.48
C ASP A 19 9.25 -11.11 3.57
N GLY A 20 8.32 -10.21 3.25
CA GLY A 20 7.93 -9.20 4.20
C GLY A 20 8.35 -7.80 3.78
N ILE A 21 8.31 -7.54 2.49
CA ILE A 21 8.69 -6.24 1.95
C ILE A 21 7.51 -5.29 1.89
N PRO A 22 7.73 -4.03 2.27
CA PRO A 22 6.69 -3.00 2.27
C PRO A 22 6.27 -2.60 0.85
N TYR A 23 5.05 -3.01 0.46
CA TYR A 23 4.55 -2.70 -0.86
C TYR A 23 3.04 -2.45 -0.82
N PHE A 24 2.55 -1.66 -1.76
CA PHE A 24 1.12 -1.34 -1.83
C PHE A 24 0.49 -1.96 -3.07
N VAL A 25 -0.83 -2.15 -3.01
CA VAL A 25 -1.56 -2.74 -4.13
C VAL A 25 -2.67 -1.80 -4.61
N ASP A 26 -2.74 -1.59 -5.92
CA ASP A 26 -3.74 -0.73 -6.51
C ASP A 26 -4.92 -1.54 -7.04
N HIS A 27 -6.08 -1.40 -6.38
CA HIS A 27 -7.27 -2.13 -6.79
C HIS A 27 -7.86 -1.53 -8.06
N ASN A 28 -7.92 -0.20 -8.13
CA ASN A 28 -8.46 0.49 -9.28
C ASN A 28 -7.60 0.23 -10.51
N ARG A 29 -6.34 0.67 -10.46
CA ARG A 29 -5.42 0.49 -11.57
C ARG A 29 -5.07 -0.98 -11.76
N ARG A 30 -5.27 -1.77 -10.69
CA ARG A 30 -4.97 -3.20 -10.73
C ARG A 30 -3.48 -3.43 -10.97
N THR A 31 -2.65 -2.65 -10.28
CA THR A 31 -1.20 -2.77 -10.41
C THR A 31 -0.51 -2.65 -9.06
N THR A 32 0.79 -2.93 -9.04
CA THR A 32 1.56 -2.84 -7.81
C THR A 32 2.82 -2.00 -8.00
N THR A 33 3.11 -1.16 -7.02
CA THR A 33 4.30 -0.30 -7.09
C THR A 33 5.03 -0.26 -5.76
N TYR A 34 6.36 -0.23 -5.83
CA TYR A 34 7.18 -0.20 -4.62
C TYR A 34 7.09 1.16 -3.93
N ILE A 35 7.03 2.22 -4.74
CA ILE A 35 6.95 3.57 -4.21
C ILE A 35 5.65 3.78 -3.45
N ASP A 36 5.72 4.52 -2.35
CA ASP A 36 4.54 4.81 -1.54
C ASP A 36 3.71 5.92 -2.16
N PRO A 37 2.38 5.79 -2.05
CA PRO A 37 1.44 6.78 -2.59
C PRO A 37 1.48 8.10 -1.83
N ARG A 38 1.38 8.02 -0.50
CA ARG A 38 1.41 9.21 0.33
C ARG A 38 2.50 10.18 -0.12
N THR A 39 3.67 9.63 -0.42
CA THR A 39 4.80 10.45 -0.87
C THR A 39 4.62 10.88 -2.32
N GLY A 40 4.00 10.02 -3.11
CA GLY A 40 3.77 10.33 -4.52
C GLY A 40 2.41 10.92 -4.77
N GLY A 1 10.48 -2.60 11.51
CA GLY A 1 10.76 -1.36 12.19
C GLY A 1 9.64 -0.94 13.12
N SER A 2 9.26 0.33 13.06
CA SER A 2 8.19 0.85 13.92
C SER A 2 7.06 1.44 13.08
N SER A 3 5.88 1.54 13.68
CA SER A 3 4.71 2.08 12.99
C SER A 3 3.85 2.90 13.95
N GLY A 4 2.83 3.55 13.40
CA GLY A 4 1.94 4.35 14.22
C GLY A 4 0.57 4.54 13.59
N SER A 5 0.49 5.40 12.59
CA SER A 5 -0.78 5.66 11.90
C SER A 5 -0.63 5.45 10.40
N SER A 6 -1.71 4.98 9.77
CA SER A 6 -1.71 4.73 8.34
C SER A 6 -2.82 5.51 7.65
N GLY A 7 -2.43 6.42 6.76
CA GLY A 7 -3.40 7.22 6.04
C GLY A 7 -3.21 7.15 4.54
N LEU A 8 -3.57 6.01 3.95
CA LEU A 8 -3.44 5.81 2.51
C LEU A 8 -4.68 6.32 1.78
N PRO A 9 -4.50 6.68 0.50
CA PRO A 9 -5.59 7.19 -0.34
C PRO A 9 -6.61 6.11 -0.68
N GLU A 10 -7.63 6.48 -1.45
CA GLU A 10 -8.67 5.54 -1.85
C GLU A 10 -8.16 4.61 -2.96
N GLY A 11 -8.41 3.31 -2.79
CA GLY A 11 -7.97 2.34 -3.77
C GLY A 11 -6.65 1.69 -3.40
N TRP A 12 -5.73 2.49 -2.87
CA TRP A 12 -4.43 1.98 -2.47
C TRP A 12 -4.54 1.08 -1.25
N GLU A 13 -3.79 -0.03 -1.27
CA GLU A 13 -3.81 -0.98 -0.16
C GLU A 13 -2.40 -1.34 0.27
N MET A 14 -2.23 -1.63 1.56
CA MET A 14 -0.93 -2.00 2.10
C MET A 14 -0.81 -3.50 2.28
N ARG A 15 0.34 -4.05 1.90
CA ARG A 15 0.57 -5.49 2.01
C ARG A 15 2.07 -5.80 2.02
N PHE A 16 2.42 -7.02 2.36
CA PHE A 16 3.81 -7.45 2.41
C PHE A 16 3.98 -8.84 1.83
N THR A 17 5.00 -9.02 1.00
CA THR A 17 5.27 -10.32 0.38
C THR A 17 5.74 -11.33 1.41
N VAL A 18 5.69 -12.60 1.03
CA VAL A 18 6.12 -13.67 1.93
C VAL A 18 7.37 -13.28 2.72
N ASP A 19 8.31 -12.64 2.03
CA ASP A 19 9.54 -12.21 2.66
C ASP A 19 9.29 -11.07 3.65
N GLY A 20 8.31 -10.22 3.32
CA GLY A 20 7.98 -9.10 4.17
C GLY A 20 8.50 -7.78 3.64
N ILE A 21 8.11 -7.45 2.41
CA ILE A 21 8.54 -6.21 1.77
C ILE A 21 7.41 -5.20 1.74
N PRO A 22 7.74 -3.93 2.03
CA PRO A 22 6.77 -2.84 2.03
C PRO A 22 6.27 -2.49 0.63
N TYR A 23 5.10 -3.00 0.28
CA TYR A 23 4.52 -2.74 -1.03
C TYR A 23 3.02 -2.51 -0.93
N PHE A 24 2.47 -1.75 -1.87
CA PHE A 24 1.05 -1.45 -1.89
C PHE A 24 0.39 -2.01 -3.14
N VAL A 25 -0.91 -2.28 -3.05
CA VAL A 25 -1.66 -2.82 -4.17
C VAL A 25 -2.81 -1.90 -4.58
N ASP A 26 -2.89 -1.60 -5.87
CA ASP A 26 -3.95 -0.72 -6.38
C ASP A 26 -5.12 -1.54 -6.91
N HIS A 27 -6.20 -1.58 -6.13
CA HIS A 27 -7.39 -2.32 -6.53
C HIS A 27 -8.05 -1.69 -7.75
N ASN A 28 -7.98 -0.36 -7.83
CA ASN A 28 -8.58 0.36 -8.95
C ASN A 28 -7.70 0.25 -10.19
N ARG A 29 -6.47 0.71 -10.09
CA ARG A 29 -5.53 0.66 -11.21
C ARG A 29 -5.10 -0.77 -11.49
N ARG A 30 -5.23 -1.63 -10.49
CA ARG A 30 -4.86 -3.03 -10.63
C ARG A 30 -3.37 -3.17 -10.96
N THR A 31 -2.54 -2.42 -10.25
CA THR A 31 -1.10 -2.45 -10.48
C THR A 31 -0.34 -2.48 -9.15
N THR A 32 0.95 -2.80 -9.23
CA THR A 32 1.79 -2.86 -8.03
C THR A 32 3.04 -2.03 -8.20
N THR A 33 3.44 -1.35 -7.13
CA THR A 33 4.63 -0.50 -7.15
C THR A 33 5.25 -0.39 -5.77
N TYR A 34 6.54 -0.06 -5.73
CA TYR A 34 7.25 0.09 -4.46
C TYR A 34 7.13 1.51 -3.93
N ILE A 35 7.11 2.47 -4.83
CA ILE A 35 7.00 3.88 -4.46
C ILE A 35 5.76 4.12 -3.60
N ASP A 36 5.98 4.63 -2.39
CA ASP A 36 4.87 4.91 -1.48
C ASP A 36 3.97 6.01 -2.03
N PRO A 37 2.66 5.85 -1.85
CA PRO A 37 1.67 6.82 -2.33
C PRO A 37 1.70 8.12 -1.54
N ARG A 38 2.19 8.04 -0.30
CA ARG A 38 2.27 9.21 0.56
C ARG A 38 3.61 9.93 0.37
N THR A 39 4.67 9.16 0.18
CA THR A 39 6.00 9.71 -0.02
C THR A 39 6.89 8.76 -0.81
N GLY A 40 7.10 9.08 -2.09
CA GLY A 40 7.93 8.23 -2.93
C GLY A 40 8.17 8.85 -4.30
N GLY A 1 -3.11 6.87 20.57
CA GLY A 1 -3.62 6.95 19.21
C GLY A 1 -4.00 5.61 18.65
N SER A 2 -5.12 5.56 17.93
CA SER A 2 -5.60 4.31 17.34
C SER A 2 -4.60 3.78 16.32
N SER A 3 -4.17 2.54 16.51
CA SER A 3 -3.21 1.91 15.61
C SER A 3 -3.92 1.07 14.56
N GLY A 4 -3.40 1.09 13.33
CA GLY A 4 -4.00 0.31 12.26
C GLY A 4 -3.40 0.62 10.91
N SER A 5 -3.88 1.68 10.27
CA SER A 5 -3.38 2.08 8.96
C SER A 5 -2.66 3.42 9.04
N SER A 6 -1.82 3.70 8.04
CA SER A 6 -1.06 4.94 8.00
C SER A 6 -1.90 6.06 7.42
N GLY A 7 -2.63 5.77 6.35
CA GLY A 7 -3.47 6.77 5.71
C GLY A 7 -3.28 6.80 4.21
N LEU A 8 -3.59 5.69 3.55
CA LEU A 8 -3.46 5.59 2.11
C LEU A 8 -4.76 5.99 1.41
N PRO A 9 -4.63 6.46 0.16
CA PRO A 9 -5.79 6.88 -0.64
C PRO A 9 -6.67 5.72 -1.06
N GLU A 10 -7.88 6.00 -1.50
CA GLU A 10 -8.82 4.98 -1.93
C GLU A 10 -8.18 4.10 -3.01
N GLY A 11 -8.45 2.80 -2.93
CA GLY A 11 -7.90 1.87 -3.90
C GLY A 11 -6.53 1.34 -3.49
N TRP A 12 -5.70 2.23 -2.96
CA TRP A 12 -4.36 1.83 -2.54
C TRP A 12 -4.41 1.00 -1.26
N GLU A 13 -3.77 -0.16 -1.29
CA GLU A 13 -3.75 -1.05 -0.13
C GLU A 13 -2.32 -1.33 0.32
N MET A 14 -2.16 -1.71 1.58
CA MET A 14 -0.85 -2.01 2.13
C MET A 14 -0.70 -3.50 2.43
N ARG A 15 0.41 -4.08 2.00
CA ARG A 15 0.66 -5.51 2.21
C ARG A 15 2.16 -5.81 2.11
N PHE A 16 2.53 -7.02 2.49
CA PHE A 16 3.93 -7.44 2.45
C PHE A 16 4.07 -8.81 1.79
N THR A 17 5.09 -8.96 0.95
CA THR A 17 5.34 -10.22 0.26
C THR A 17 5.77 -11.31 1.23
N VAL A 18 5.73 -12.55 0.76
CA VAL A 18 6.12 -13.69 1.60
C VAL A 18 7.38 -13.37 2.40
N ASP A 19 8.29 -12.63 1.79
CA ASP A 19 9.53 -12.25 2.45
C ASP A 19 9.29 -11.19 3.50
N GLY A 20 8.37 -10.28 3.22
CA GLY A 20 8.06 -9.21 4.16
C GLY A 20 8.51 -7.85 3.66
N ILE A 21 8.29 -7.59 2.38
CA ILE A 21 8.69 -6.32 1.79
C ILE A 21 7.52 -5.34 1.77
N PRO A 22 7.80 -4.07 2.13
CA PRO A 22 6.79 -3.02 2.16
C PRO A 22 6.32 -2.62 0.76
N TYR A 23 5.15 -3.13 0.37
CA TYR A 23 4.59 -2.82 -0.93
C TYR A 23 3.10 -2.53 -0.84
N PHE A 24 2.56 -1.85 -1.85
CA PHE A 24 1.15 -1.51 -1.87
C PHE A 24 0.48 -2.07 -3.13
N VAL A 25 -0.82 -2.33 -3.03
CA VAL A 25 -1.57 -2.87 -4.15
C VAL A 25 -2.77 -1.99 -4.48
N ASP A 26 -2.90 -1.64 -5.76
CA ASP A 26 -4.01 -0.79 -6.21
C ASP A 26 -5.14 -1.64 -6.79
N HIS A 27 -6.33 -1.46 -6.25
CA HIS A 27 -7.51 -2.21 -6.71
C HIS A 27 -8.09 -1.57 -7.97
N ASN A 28 -8.15 -0.24 -7.98
CA ASN A 28 -8.69 0.48 -9.13
C ASN A 28 -7.72 0.44 -10.31
N ARG A 29 -6.46 0.80 -10.05
CA ARG A 29 -5.44 0.80 -11.09
C ARG A 29 -4.97 -0.62 -11.39
N ARG A 30 -5.14 -1.52 -10.43
CA ARG A 30 -4.73 -2.90 -10.58
C ARG A 30 -3.23 -3.01 -10.84
N THR A 31 -2.46 -2.20 -10.13
CA THR A 31 -1.01 -2.20 -10.28
C THR A 31 -0.31 -2.31 -8.93
N THR A 32 0.94 -2.76 -8.96
CA THR A 32 1.72 -2.92 -7.73
C THR A 32 3.05 -2.18 -7.83
N THR A 33 3.38 -1.43 -6.79
CA THR A 33 4.63 -0.68 -6.75
C THR A 33 5.12 -0.49 -5.32
N TYR A 34 6.44 -0.37 -5.17
CA TYR A 34 7.04 -0.19 -3.85
C TYR A 34 6.92 1.25 -3.40
N ILE A 35 7.03 2.18 -4.33
CA ILE A 35 6.94 3.60 -4.02
C ILE A 35 5.52 3.99 -3.64
N ASP A 36 5.38 4.61 -2.48
CA ASP A 36 4.07 5.03 -1.99
C ASP A 36 3.64 6.35 -2.64
N PRO A 37 2.35 6.47 -2.96
CA PRO A 37 1.79 7.67 -3.59
C PRO A 37 1.75 8.85 -2.63
N ARG A 38 1.48 8.57 -1.36
CA ARG A 38 1.41 9.62 -0.34
C ARG A 38 2.48 10.67 -0.58
N THR A 39 3.70 10.22 -0.83
CA THR A 39 4.81 11.13 -1.08
C THR A 39 4.86 11.58 -2.53
N GLY A 40 4.67 10.64 -3.45
CA GLY A 40 4.69 10.96 -4.86
C GLY A 40 3.47 11.75 -5.29
N GLY A 1 -5.79 6.46 10.47
CA GLY A 1 -6.02 7.58 11.35
C GLY A 1 -5.64 7.29 12.79
N SER A 2 -6.62 6.87 13.59
CA SER A 2 -6.39 6.55 14.99
C SER A 2 -5.89 5.12 15.15
N SER A 3 -6.69 4.17 14.65
CA SER A 3 -6.33 2.76 14.74
C SER A 3 -6.99 1.96 13.62
N GLY A 4 -6.20 1.09 12.99
CA GLY A 4 -6.73 0.28 11.90
C GLY A 4 -6.01 0.54 10.58
N SER A 5 -5.97 1.81 10.18
CA SER A 5 -5.32 2.18 8.93
C SER A 5 -4.37 3.35 9.15
N SER A 6 -3.33 3.44 8.31
CA SER A 6 -2.35 4.51 8.41
C SER A 6 -2.90 5.82 7.85
N GLY A 7 -3.36 5.77 6.59
CA GLY A 7 -3.91 6.95 5.96
C GLY A 7 -3.73 6.93 4.45
N LEU A 8 -3.93 5.77 3.85
CA LEU A 8 -3.79 5.63 2.40
C LEU A 8 -5.07 6.03 1.68
N PRO A 9 -4.94 6.43 0.41
CA PRO A 9 -6.08 6.84 -0.42
C PRO A 9 -6.98 5.67 -0.78
N GLU A 10 -8.04 5.96 -1.53
CA GLU A 10 -8.98 4.93 -1.96
C GLU A 10 -8.36 4.00 -2.99
N GLY A 11 -8.61 2.70 -2.86
CA GLY A 11 -8.06 1.73 -3.79
C GLY A 11 -6.71 1.22 -3.35
N TRP A 12 -5.87 2.11 -2.86
CA TRP A 12 -4.53 1.74 -2.41
C TRP A 12 -4.60 0.90 -1.14
N GLU A 13 -4.05 -0.31 -1.21
CA GLU A 13 -4.05 -1.22 -0.06
C GLU A 13 -2.64 -1.47 0.44
N MET A 14 -2.51 -1.68 1.75
CA MET A 14 -1.20 -1.93 2.36
C MET A 14 -1.02 -3.41 2.66
N ARG A 15 0.06 -3.98 2.16
CA ARG A 15 0.36 -5.39 2.38
C ARG A 15 1.86 -5.66 2.28
N PHE A 16 2.25 -6.90 2.54
CA PHE A 16 3.66 -7.29 2.48
C PHE A 16 3.82 -8.60 1.72
N THR A 17 4.83 -8.65 0.85
CA THR A 17 5.10 -9.85 0.06
C THR A 17 5.61 -10.98 0.95
N VAL A 18 5.58 -12.20 0.41
CA VAL A 18 6.04 -13.37 1.14
C VAL A 18 7.38 -13.10 1.84
N ASP A 19 8.14 -12.17 1.29
CA ASP A 19 9.43 -11.81 1.85
C ASP A 19 9.27 -10.91 3.08
N GLY A 20 8.27 -10.03 3.02
CA GLY A 20 8.02 -9.14 4.14
C GLY A 20 8.39 -7.70 3.82
N ILE A 21 8.16 -7.30 2.57
CA ILE A 21 8.49 -5.94 2.14
C ILE A 21 7.23 -5.07 2.07
N PRO A 22 7.35 -3.82 2.54
CA PRO A 22 6.25 -2.86 2.55
C PRO A 22 5.87 -2.41 1.14
N TYR A 23 4.79 -2.97 0.61
CA TYR A 23 4.32 -2.63 -0.73
C TYR A 23 2.81 -2.38 -0.74
N PHE A 24 2.37 -1.53 -1.65
CA PHE A 24 0.94 -1.21 -1.77
C PHE A 24 0.36 -1.81 -3.04
N VAL A 25 -0.86 -2.34 -2.93
CA VAL A 25 -1.53 -2.94 -4.07
C VAL A 25 -2.81 -2.17 -4.42
N ASP A 26 -2.95 -1.84 -5.70
CA ASP A 26 -4.12 -1.11 -6.17
C ASP A 26 -5.16 -2.06 -6.76
N HIS A 27 -6.41 -1.90 -6.34
CA HIS A 27 -7.49 -2.75 -6.82
C HIS A 27 -8.11 -2.16 -8.09
N ASN A 28 -8.41 -0.87 -8.04
CA ASN A 28 -9.02 -0.20 -9.18
C ASN A 28 -8.05 -0.16 -10.37
N ARG A 29 -6.84 0.34 -10.12
CA ARG A 29 -5.83 0.43 -11.17
C ARG A 29 -5.22 -0.95 -11.45
N ARG A 30 -5.26 -1.83 -10.46
CA ARG A 30 -4.72 -3.18 -10.60
C ARG A 30 -3.22 -3.13 -10.86
N THR A 31 -2.52 -2.29 -10.10
CA THR A 31 -1.08 -2.14 -10.26
C THR A 31 -0.39 -2.01 -8.90
N THR A 32 0.93 -2.14 -8.89
CA THR A 32 1.70 -2.03 -7.67
C THR A 32 3.04 -1.34 -7.91
N THR A 33 3.50 -0.58 -6.92
CA THR A 33 4.77 0.13 -7.03
C THR A 33 5.58 0.00 -5.76
N TYR A 34 6.89 -0.22 -5.92
CA TYR A 34 7.78 -0.37 -4.77
C TYR A 34 7.86 0.93 -3.98
N ILE A 35 7.86 2.06 -4.68
CA ILE A 35 7.93 3.36 -4.03
C ILE A 35 6.58 3.76 -3.45
N ASP A 36 6.58 4.20 -2.20
CA ASP A 36 5.36 4.62 -1.53
C ASP A 36 4.68 5.74 -2.30
N PRO A 37 3.33 5.65 -2.40
CA PRO A 37 2.53 6.65 -3.11
C PRO A 37 2.49 7.99 -2.38
N ARG A 38 2.16 7.94 -1.10
CA ARG A 38 2.08 9.16 -0.30
C ARG A 38 3.29 10.06 -0.54
N THR A 39 4.46 9.57 -0.16
CA THR A 39 5.70 10.33 -0.35
C THR A 39 5.74 10.98 -1.72
N GLY A 40 5.15 10.32 -2.71
CA GLY A 40 5.13 10.86 -4.05
C GLY A 40 3.76 11.35 -4.47
N GLY A 1 -13.33 3.42 4.17
CA GLY A 1 -13.71 2.68 5.36
C GLY A 1 -12.58 1.82 5.89
N SER A 2 -12.56 0.55 5.48
CA SER A 2 -11.54 -0.38 5.92
C SER A 2 -10.18 0.00 5.35
N SER A 3 -10.17 0.35 4.06
CA SER A 3 -8.93 0.73 3.39
C SER A 3 -8.39 2.06 3.95
N GLY A 4 -7.13 2.03 4.38
CA GLY A 4 -6.52 3.23 4.93
C GLY A 4 -6.53 3.24 6.45
N SER A 5 -5.95 2.20 7.05
CA SER A 5 -5.88 2.09 8.50
C SER A 5 -4.84 3.03 9.07
N SER A 6 -3.60 2.87 8.62
CA SER A 6 -2.49 3.71 9.08
C SER A 6 -2.66 5.15 8.61
N GLY A 7 -2.95 5.31 7.32
CA GLY A 7 -3.13 6.64 6.76
C GLY A 7 -2.93 6.67 5.26
N LEU A 8 -3.51 5.70 4.57
CA LEU A 8 -3.40 5.61 3.12
C LEU A 8 -4.64 6.19 2.44
N PRO A 9 -4.48 6.62 1.18
CA PRO A 9 -5.58 7.20 0.41
C PRO A 9 -6.63 6.15 0.01
N GLU A 10 -7.69 6.60 -0.65
CA GLU A 10 -8.76 5.69 -1.07
C GLU A 10 -8.32 4.86 -2.27
N GLY A 11 -8.51 3.55 -2.17
CA GLY A 11 -8.13 2.66 -3.25
C GLY A 11 -6.78 1.99 -3.00
N TRP A 12 -5.85 2.75 -2.44
CA TRP A 12 -4.52 2.22 -2.16
C TRP A 12 -4.57 1.22 -1.00
N GLU A 13 -3.93 0.07 -1.20
CA GLU A 13 -3.90 -0.97 -0.17
C GLU A 13 -2.47 -1.25 0.28
N MET A 14 -2.32 -1.69 1.53
CA MET A 14 -1.01 -2.00 2.07
C MET A 14 -0.87 -3.49 2.34
N ARG A 15 0.25 -4.06 1.90
CA ARG A 15 0.51 -5.48 2.08
C ARG A 15 2.01 -5.77 2.04
N PHE A 16 2.38 -6.99 2.42
CA PHE A 16 3.79 -7.39 2.42
C PHE A 16 3.96 -8.76 1.77
N THR A 17 5.00 -8.89 0.96
CA THR A 17 5.28 -10.13 0.26
C THR A 17 5.81 -11.20 1.23
N VAL A 18 6.00 -12.41 0.72
CA VAL A 18 6.49 -13.51 1.54
C VAL A 18 7.61 -13.04 2.48
N ASP A 19 8.71 -12.57 1.89
CA ASP A 19 9.83 -12.09 2.68
C ASP A 19 9.41 -11.01 3.65
N GLY A 20 8.32 -10.31 3.32
CA GLY A 20 7.82 -9.25 4.18
C GLY A 20 8.33 -7.89 3.77
N ILE A 21 8.06 -7.49 2.53
CA ILE A 21 8.49 -6.20 2.02
C ILE A 21 7.34 -5.21 2.00
N PRO A 22 7.62 -3.96 2.39
CA PRO A 22 6.63 -2.89 2.42
C PRO A 22 6.22 -2.44 1.03
N TYR A 23 5.06 -2.93 0.58
CA TYR A 23 4.56 -2.59 -0.75
C TYR A 23 3.06 -2.29 -0.70
N PHE A 24 2.56 -1.63 -1.73
CA PHE A 24 1.14 -1.28 -1.81
C PHE A 24 0.49 -1.93 -3.02
N VAL A 25 -0.84 -2.00 -3.00
CA VAL A 25 -1.59 -2.59 -4.10
C VAL A 25 -2.78 -1.72 -4.50
N ASP A 26 -2.90 -1.45 -5.79
CA ASP A 26 -3.99 -0.63 -6.30
C ASP A 26 -5.13 -1.49 -6.83
N HIS A 27 -6.32 -1.28 -6.29
CA HIS A 27 -7.49 -2.05 -6.71
C HIS A 27 -8.05 -1.51 -8.02
N ASN A 28 -8.11 -0.18 -8.14
CA ASN A 28 -8.62 0.46 -9.34
C ASN A 28 -7.67 0.26 -10.51
N ARG A 29 -6.40 0.57 -10.29
CA ARG A 29 -5.39 0.42 -11.33
C ARG A 29 -4.96 -1.03 -11.47
N ARG A 30 -5.23 -1.83 -10.45
CA ARG A 30 -4.87 -3.24 -10.45
C ARG A 30 -3.38 -3.42 -10.75
N THR A 31 -2.57 -2.51 -10.23
CA THR A 31 -1.13 -2.57 -10.44
C THR A 31 -0.37 -2.48 -9.12
N THR A 32 0.91 -2.81 -9.16
CA THR A 32 1.74 -2.76 -7.96
C THR A 32 3.00 -1.95 -8.19
N THR A 33 3.26 -0.99 -7.29
CA THR A 33 4.43 -0.14 -7.40
C THR A 33 5.20 -0.10 -6.09
N TYR A 34 6.53 -0.30 -6.17
CA TYR A 34 7.37 -0.28 -4.99
C TYR A 34 7.27 1.05 -4.26
N ILE A 35 7.15 2.13 -5.03
CA ILE A 35 7.04 3.47 -4.46
C ILE A 35 5.84 3.58 -3.54
N ASP A 36 5.97 4.40 -2.50
CA ASP A 36 4.88 4.59 -1.53
C ASP A 36 3.95 5.71 -1.99
N PRO A 37 2.64 5.48 -1.82
CA PRO A 37 1.62 6.46 -2.21
C PRO A 37 1.62 7.69 -1.32
N ARG A 38 1.64 7.47 0.00
CA ARG A 38 1.65 8.56 0.95
C ARG A 38 2.47 9.74 0.44
N THR A 39 3.78 9.51 0.32
CA THR A 39 4.69 10.54 -0.15
C THR A 39 4.55 10.75 -1.65
N GLY A 40 4.19 9.68 -2.36
CA GLY A 40 4.03 9.76 -3.80
C GLY A 40 2.63 10.16 -4.21
N GLY A 1 -10.01 9.72 18.14
CA GLY A 1 -10.84 9.11 17.13
C GLY A 1 -10.54 9.60 15.73
N SER A 2 -9.59 8.96 15.06
CA SER A 2 -9.20 9.36 13.71
C SER A 2 -9.30 8.18 12.74
N SER A 3 -9.62 8.48 11.50
CA SER A 3 -9.76 7.45 10.48
C SER A 3 -8.50 7.36 9.61
N GLY A 4 -7.70 6.32 9.85
CA GLY A 4 -6.48 6.15 9.08
C GLY A 4 -5.58 5.09 9.68
N SER A 5 -6.16 3.94 10.03
CA SER A 5 -5.41 2.85 10.62
C SER A 5 -4.15 2.56 9.82
N SER A 6 -4.30 2.45 8.50
CA SER A 6 -3.17 2.18 7.61
C SER A 6 -2.54 3.48 7.13
N GLY A 7 -3.38 4.46 6.80
CA GLY A 7 -2.89 5.73 6.33
C GLY A 7 -2.65 5.75 4.83
N LEU A 8 -3.72 5.52 4.07
CA LEU A 8 -3.62 5.50 2.61
C LEU A 8 -4.93 5.94 1.98
N PRO A 9 -4.84 6.50 0.76
CA PRO A 9 -6.02 6.97 0.02
C PRO A 9 -6.90 5.82 -0.47
N GLU A 10 -8.07 6.16 -0.99
CA GLU A 10 -9.01 5.15 -1.49
C GLU A 10 -8.38 4.36 -2.62
N GLY A 11 -8.62 3.05 -2.62
CA GLY A 11 -8.07 2.19 -3.66
C GLY A 11 -6.70 1.63 -3.30
N TRP A 12 -5.86 2.49 -2.71
CA TRP A 12 -4.52 2.08 -2.32
C TRP A 12 -4.56 1.19 -1.08
N GLU A 13 -3.96 0.00 -1.20
CA GLU A 13 -3.94 -0.93 -0.08
C GLU A 13 -2.50 -1.25 0.32
N MET A 14 -2.32 -1.73 1.55
CA MET A 14 -1.00 -2.07 2.06
C MET A 14 -0.88 -3.58 2.28
N ARG A 15 0.23 -4.15 1.84
CA ARG A 15 0.47 -5.58 2.00
C ARG A 15 1.97 -5.88 2.09
N PHE A 16 2.29 -7.13 2.34
CA PHE A 16 3.69 -7.55 2.46
C PHE A 16 3.93 -8.88 1.75
N THR A 17 4.98 -8.94 0.95
CA THR A 17 5.32 -10.15 0.21
C THR A 17 5.82 -11.24 1.14
N VAL A 18 6.05 -12.42 0.60
CA VAL A 18 6.54 -13.56 1.38
C VAL A 18 7.69 -13.14 2.29
N ASP A 19 8.61 -12.35 1.73
CA ASP A 19 9.77 -11.88 2.50
C ASP A 19 9.34 -10.85 3.54
N GLY A 20 8.37 -10.02 3.19
CA GLY A 20 7.89 -9.01 4.11
C GLY A 20 8.28 -7.60 3.67
N ILE A 21 8.24 -7.37 2.36
CA ILE A 21 8.58 -6.06 1.81
C ILE A 21 7.38 -5.13 1.82
N PRO A 22 7.60 -3.87 2.25
CA PRO A 22 6.55 -2.86 2.31
C PRO A 22 6.11 -2.40 0.92
N TYR A 23 5.00 -2.96 0.46
CA TYR A 23 4.48 -2.61 -0.86
C TYR A 23 2.97 -2.38 -0.79
N PHE A 24 2.46 -1.53 -1.69
CA PHE A 24 1.04 -1.23 -1.73
C PHE A 24 0.41 -1.77 -3.02
N VAL A 25 -0.90 -2.00 -2.97
CA VAL A 25 -1.63 -2.51 -4.13
C VAL A 25 -2.83 -1.63 -4.47
N ASP A 26 -2.95 -1.26 -5.74
CA ASP A 26 -4.04 -0.42 -6.19
C ASP A 26 -5.16 -1.27 -6.79
N HIS A 27 -6.34 -1.21 -6.18
CA HIS A 27 -7.48 -1.97 -6.65
C HIS A 27 -8.02 -1.39 -7.96
N ASN A 28 -8.11 -0.07 -8.02
CA ASN A 28 -8.60 0.61 -9.20
C ASN A 28 -7.65 0.42 -10.38
N ARG A 29 -6.37 0.69 -10.15
CA ARG A 29 -5.36 0.55 -11.20
C ARG A 29 -4.96 -0.91 -11.36
N ARG A 30 -5.14 -1.69 -10.31
CA ARG A 30 -4.80 -3.11 -10.33
C ARG A 30 -3.33 -3.30 -10.70
N THR A 31 -2.46 -2.52 -10.08
CA THR A 31 -1.03 -2.61 -10.34
C THR A 31 -0.23 -2.69 -9.04
N THR A 32 1.04 -3.06 -9.15
CA THR A 32 1.92 -3.18 -8.00
C THR A 32 3.14 -2.28 -8.13
N THR A 33 3.48 -1.57 -7.06
CA THR A 33 4.62 -0.67 -7.06
C THR A 33 5.24 -0.58 -5.68
N TYR A 34 6.55 -0.36 -5.62
CA TYR A 34 7.27 -0.26 -4.36
C TYR A 34 7.17 1.17 -3.81
N ILE A 35 7.23 2.14 -4.70
CA ILE A 35 7.15 3.55 -4.30
C ILE A 35 5.83 3.84 -3.58
N ASP A 36 5.93 4.30 -2.35
CA ASP A 36 4.74 4.63 -1.56
C ASP A 36 3.87 5.64 -2.28
N PRO A 37 2.54 5.46 -2.16
CA PRO A 37 1.57 6.36 -2.80
C PRO A 37 1.54 7.73 -2.15
N ARG A 38 1.41 7.76 -0.84
CA ARG A 38 1.36 9.02 -0.09
C ARG A 38 2.54 9.91 -0.47
N THR A 39 3.75 9.42 -0.22
CA THR A 39 4.96 10.18 -0.54
C THR A 39 6.14 9.25 -0.77
N GLY A 40 6.51 9.07 -2.04
CA GLY A 40 7.63 8.21 -2.37
C GLY A 40 8.97 8.81 -1.98
N GLY A 1 -12.22 -2.95 15.33
CA GLY A 1 -11.25 -2.17 16.07
C GLY A 1 -10.09 -1.70 15.20
N SER A 2 -10.41 -1.21 14.01
CA SER A 2 -9.38 -0.74 13.09
C SER A 2 -9.09 0.73 13.32
N SER A 3 -10.13 1.56 13.30
CA SER A 3 -9.98 2.99 13.51
C SER A 3 -8.99 3.59 12.50
N GLY A 4 -9.10 3.14 11.25
CA GLY A 4 -8.22 3.64 10.21
C GLY A 4 -6.78 3.75 10.67
N SER A 5 -6.23 2.65 11.18
CA SER A 5 -4.86 2.62 11.66
C SER A 5 -3.92 3.29 10.66
N SER A 6 -4.22 3.12 9.37
CA SER A 6 -3.40 3.70 8.32
C SER A 6 -4.08 4.91 7.70
N GLY A 7 -3.36 5.62 6.83
CA GLY A 7 -3.91 6.79 6.19
C GLY A 7 -3.68 6.81 4.70
N LEU A 8 -3.83 5.64 4.06
CA LEU A 8 -3.62 5.53 2.62
C LEU A 8 -4.84 6.04 1.86
N PRO A 9 -4.61 6.51 0.63
CA PRO A 9 -5.68 7.03 -0.23
C PRO A 9 -6.62 5.94 -0.71
N GLU A 10 -7.76 6.35 -1.28
CA GLU A 10 -8.74 5.39 -1.79
C GLU A 10 -8.15 4.54 -2.89
N GLY A 11 -8.37 3.23 -2.81
CA GLY A 11 -7.86 2.31 -3.81
C GLY A 11 -6.52 1.72 -3.42
N TRP A 12 -5.65 2.56 -2.86
CA TRP A 12 -4.33 2.12 -2.44
C TRP A 12 -4.41 1.22 -1.21
N GLU A 13 -3.78 0.05 -1.28
CA GLU A 13 -3.80 -0.89 -0.17
C GLU A 13 -2.39 -1.10 0.38
N MET A 14 -2.30 -1.74 1.53
CA MET A 14 -1.01 -2.01 2.17
C MET A 14 -0.86 -3.50 2.48
N ARG A 15 0.25 -4.07 2.04
CA ARG A 15 0.53 -5.49 2.26
C ARG A 15 2.02 -5.76 2.28
N PHE A 16 2.39 -7.00 2.60
CA PHE A 16 3.80 -7.39 2.65
C PHE A 16 4.01 -8.73 1.95
N THR A 17 4.99 -8.78 1.06
CA THR A 17 5.30 -10.00 0.31
C THR A 17 5.89 -11.05 1.24
N VAL A 18 5.89 -12.30 0.77
CA VAL A 18 6.44 -13.41 1.55
C VAL A 18 7.69 -12.99 2.31
N ASP A 19 8.58 -12.28 1.62
CA ASP A 19 9.81 -11.81 2.22
C ASP A 19 9.54 -10.88 3.39
N GLY A 20 8.51 -10.04 3.25
CA GLY A 20 8.16 -9.12 4.30
C GLY A 20 8.52 -7.68 3.96
N ILE A 21 8.26 -7.28 2.73
CA ILE A 21 8.55 -5.94 2.27
C ILE A 21 7.29 -5.09 2.18
N PRO A 22 7.39 -3.82 2.61
CA PRO A 22 6.26 -2.89 2.60
C PRO A 22 5.88 -2.48 1.18
N TYR A 23 4.89 -3.14 0.61
CA TYR A 23 4.43 -2.85 -0.74
C TYR A 23 2.94 -2.53 -0.75
N PHE A 24 2.52 -1.72 -1.73
CA PHE A 24 1.12 -1.35 -1.85
C PHE A 24 0.49 -1.98 -3.09
N VAL A 25 -0.83 -2.07 -3.09
CA VAL A 25 -1.56 -2.66 -4.21
C VAL A 25 -2.79 -1.84 -4.56
N ASP A 26 -2.96 -1.52 -5.84
CA ASP A 26 -4.09 -0.73 -6.30
C ASP A 26 -5.19 -1.64 -6.85
N HIS A 27 -6.41 -1.47 -6.34
CA HIS A 27 -7.54 -2.28 -6.78
C HIS A 27 -8.20 -1.67 -8.01
N ASN A 28 -8.32 -0.34 -8.02
CA ASN A 28 -8.93 0.36 -9.13
C ASN A 28 -8.02 0.36 -10.35
N ARG A 29 -6.74 0.68 -10.12
CA ARG A 29 -5.76 0.71 -11.20
C ARG A 29 -5.24 -0.70 -11.50
N ARG A 30 -5.28 -1.56 -10.50
CA ARG A 30 -4.81 -2.94 -10.65
C ARG A 30 -3.33 -2.96 -11.02
N THR A 31 -2.54 -2.16 -10.32
CA THR A 31 -1.10 -2.09 -10.58
C THR A 31 -0.30 -2.23 -9.29
N THR A 32 0.97 -2.57 -9.43
CA THR A 32 1.85 -2.75 -8.27
C THR A 32 3.13 -1.94 -8.43
N THR A 33 3.49 -1.21 -7.37
CA THR A 33 4.69 -0.39 -7.40
C THR A 33 5.34 -0.32 -6.01
N TYR A 34 6.64 -0.59 -5.96
CA TYR A 34 7.38 -0.57 -4.71
C TYR A 34 7.27 0.80 -4.04
N ILE A 35 7.25 1.85 -4.85
CA ILE A 35 7.15 3.21 -4.34
C ILE A 35 5.90 3.39 -3.50
N ASP A 36 6.02 4.13 -2.40
CA ASP A 36 4.89 4.38 -1.51
C ASP A 36 4.03 5.52 -2.03
N PRO A 37 2.70 5.32 -2.00
CA PRO A 37 1.74 6.32 -2.45
C PRO A 37 1.69 7.55 -1.54
N ARG A 38 1.59 7.31 -0.25
CA ARG A 38 1.52 8.39 0.73
C ARG A 38 2.38 9.57 0.29
N THR A 39 3.68 9.33 0.14
CA THR A 39 4.61 10.38 -0.29
C THR A 39 4.59 10.54 -1.79
N GLY A 40 4.65 9.43 -2.52
CA GLY A 40 4.64 9.48 -3.96
C GLY A 40 3.83 8.35 -4.58
N GLY A 1 -9.79 -7.86 15.98
CA GLY A 1 -8.80 -7.91 17.04
C GLY A 1 -8.00 -6.63 17.16
N SER A 2 -7.02 -6.47 16.27
CA SER A 2 -6.18 -5.28 16.29
C SER A 2 -6.64 -4.27 15.24
N SER A 3 -6.99 -3.07 15.69
CA SER A 3 -7.46 -2.01 14.80
C SER A 3 -6.39 -0.95 14.61
N GLY A 4 -5.74 -0.98 13.45
CA GLY A 4 -4.69 -0.01 13.17
C GLY A 4 -4.51 0.22 11.68
N SER A 5 -4.22 1.46 11.30
CA SER A 5 -4.03 1.81 9.90
C SER A 5 -3.17 3.07 9.77
N SER A 6 -2.31 3.08 8.76
CA SER A 6 -1.44 4.23 8.52
C SER A 6 -2.20 5.38 7.87
N GLY A 7 -3.11 5.04 6.96
CA GLY A 7 -3.89 6.04 6.27
C GLY A 7 -3.57 6.13 4.80
N LEU A 8 -4.25 5.31 4.00
CA LEU A 8 -4.03 5.29 2.55
C LEU A 8 -5.29 5.70 1.80
N PRO A 9 -5.12 6.21 0.58
CA PRO A 9 -6.24 6.65 -0.26
C PRO A 9 -7.07 5.47 -0.78
N GLU A 10 -8.28 5.77 -1.24
CA GLU A 10 -9.17 4.74 -1.74
C GLU A 10 -8.49 3.93 -2.86
N GLY A 11 -8.53 2.61 -2.72
CA GLY A 11 -7.90 1.75 -3.73
C GLY A 11 -6.53 1.30 -3.32
N TRP A 12 -5.73 2.21 -2.76
CA TRP A 12 -4.38 1.89 -2.33
C TRP A 12 -4.40 1.08 -1.03
N GLU A 13 -3.93 -0.16 -1.10
CA GLU A 13 -3.88 -1.02 0.06
C GLU A 13 -2.45 -1.28 0.50
N MET A 14 -2.30 -1.92 1.67
CA MET A 14 -0.98 -2.22 2.20
C MET A 14 -0.82 -3.72 2.46
N ARG A 15 0.26 -4.30 1.94
CA ARG A 15 0.52 -5.72 2.11
C ARG A 15 2.02 -6.01 2.07
N PHE A 16 2.40 -7.18 2.57
CA PHE A 16 3.81 -7.57 2.61
C PHE A 16 4.00 -8.94 1.94
N THR A 17 4.98 -9.02 1.05
CA THR A 17 5.27 -10.26 0.35
C THR A 17 5.85 -11.31 1.30
N VAL A 18 5.88 -12.55 0.85
CA VAL A 18 6.41 -13.65 1.66
C VAL A 18 7.70 -13.23 2.38
N ASP A 19 8.50 -12.41 1.72
CA ASP A 19 9.75 -11.92 2.28
C ASP A 19 9.49 -10.90 3.39
N GLY A 20 8.44 -10.11 3.21
CA GLY A 20 8.10 -9.10 4.20
C GLY A 20 8.50 -7.70 3.77
N ILE A 21 8.24 -7.37 2.51
CA ILE A 21 8.58 -6.06 1.98
C ILE A 21 7.35 -5.16 1.90
N PRO A 22 7.53 -3.88 2.27
CA PRO A 22 6.45 -2.89 2.25
C PRO A 22 6.03 -2.52 0.83
N TYR A 23 4.83 -2.95 0.45
CA TYR A 23 4.31 -2.66 -0.88
C TYR A 23 2.80 -2.41 -0.84
N PHE A 24 2.31 -1.60 -1.76
CA PHE A 24 0.90 -1.27 -1.83
C PHE A 24 0.27 -1.83 -3.10
N VAL A 25 -1.04 -2.07 -3.05
CA VAL A 25 -1.76 -2.60 -4.21
C VAL A 25 -2.95 -1.72 -4.57
N ASP A 26 -3.06 -1.37 -5.85
CA ASP A 26 -4.14 -0.54 -6.33
C ASP A 26 -5.27 -1.39 -6.91
N HIS A 27 -6.43 -1.36 -6.26
CA HIS A 27 -7.58 -2.13 -6.70
C HIS A 27 -8.16 -1.53 -7.98
N ASN A 28 -8.14 -0.21 -8.08
CA ASN A 28 -8.68 0.48 -9.26
C ASN A 28 -7.71 0.36 -10.42
N ARG A 29 -6.44 0.69 -10.18
CA ARG A 29 -5.42 0.62 -11.22
C ARG A 29 -4.96 -0.81 -11.44
N ARG A 30 -5.17 -1.66 -10.44
CA ARG A 30 -4.77 -3.06 -10.53
C ARG A 30 -3.30 -3.19 -10.86
N THR A 31 -2.48 -2.39 -10.19
CA THR A 31 -1.03 -2.42 -10.41
C THR A 31 -0.27 -2.51 -9.09
N THR A 32 1.00 -2.91 -9.17
CA THR A 32 1.84 -3.04 -7.98
C THR A 32 3.11 -2.22 -8.12
N THR A 33 3.40 -1.42 -7.10
CA THR A 33 4.59 -0.58 -7.10
C THR A 33 5.22 -0.50 -5.72
N TYR A 34 6.52 -0.25 -5.67
CA TYR A 34 7.24 -0.15 -4.40
C TYR A 34 7.19 1.27 -3.86
N ILE A 35 7.26 2.25 -4.75
CA ILE A 35 7.22 3.65 -4.36
C ILE A 35 5.90 3.99 -3.68
N ASP A 36 5.98 4.40 -2.42
CA ASP A 36 4.78 4.76 -1.65
C ASP A 36 4.11 6.00 -2.24
N PRO A 37 2.77 5.98 -2.30
CA PRO A 37 1.99 7.09 -2.84
C PRO A 37 2.03 8.33 -1.94
N ARG A 38 1.75 8.12 -0.66
CA ARG A 38 1.75 9.22 0.31
C ARG A 38 2.99 10.08 0.14
N THR A 39 4.16 9.45 0.06
CA THR A 39 5.42 10.16 -0.11
C THR A 39 5.81 10.24 -1.58
N GLY A 40 5.26 9.34 -2.39
CA GLY A 40 5.57 9.33 -3.81
C GLY A 40 7.06 9.44 -4.07
N GLY A 1 -12.39 2.86 11.66
CA GLY A 1 -11.39 1.92 11.19
C GLY A 1 -11.03 2.14 9.72
N SER A 2 -10.58 3.34 9.41
CA SER A 2 -10.20 3.68 8.04
C SER A 2 -9.07 2.78 7.55
N SER A 3 -9.09 2.47 6.26
CA SER A 3 -8.06 1.62 5.67
C SER A 3 -6.67 2.22 5.85
N GLY A 4 -5.65 1.41 5.64
CA GLY A 4 -4.28 1.87 5.79
C GLY A 4 -3.97 2.31 7.21
N SER A 5 -3.27 1.45 7.94
CA SER A 5 -2.91 1.75 9.32
C SER A 5 -2.29 3.14 9.44
N SER A 6 -1.29 3.40 8.59
CA SER A 6 -0.61 4.70 8.60
C SER A 6 -1.53 5.80 8.08
N GLY A 7 -2.22 5.52 6.98
CA GLY A 7 -3.12 6.50 6.40
C GLY A 7 -2.98 6.61 4.90
N LEU A 8 -3.28 5.52 4.21
CA LEU A 8 -3.19 5.48 2.75
C LEU A 8 -4.43 6.11 2.11
N PRO A 9 -4.30 6.52 0.85
CA PRO A 9 -5.41 7.15 0.10
C PRO A 9 -6.51 6.14 -0.24
N GLU A 10 -7.50 6.60 -1.00
CA GLU A 10 -8.61 5.74 -1.40
C GLU A 10 -8.22 4.84 -2.57
N GLY A 11 -8.41 3.54 -2.40
CA GLY A 11 -8.07 2.59 -3.44
C GLY A 11 -6.78 1.86 -3.17
N TRP A 12 -5.78 2.60 -2.69
CA TRP A 12 -4.47 2.02 -2.39
C TRP A 12 -4.56 1.10 -1.18
N GLU A 13 -3.87 -0.04 -1.26
CA GLU A 13 -3.88 -1.00 -0.17
C GLU A 13 -2.46 -1.26 0.34
N MET A 14 -2.35 -1.93 1.48
CA MET A 14 -1.06 -2.23 2.07
C MET A 14 -0.89 -3.74 2.28
N ARG A 15 0.21 -4.29 1.76
CA ARG A 15 0.48 -5.71 1.88
C ARG A 15 1.98 -5.97 1.93
N PHE A 16 2.35 -7.21 2.24
CA PHE A 16 3.76 -7.58 2.33
C PHE A 16 4.00 -8.95 1.69
N THR A 17 5.06 -9.05 0.90
CA THR A 17 5.39 -10.30 0.22
C THR A 17 5.98 -11.31 1.20
N VAL A 18 6.12 -12.56 0.75
CA VAL A 18 6.66 -13.61 1.59
C VAL A 18 7.83 -13.10 2.43
N ASP A 19 8.73 -12.36 1.79
CA ASP A 19 9.88 -11.82 2.48
C ASP A 19 9.46 -10.81 3.54
N GLY A 20 8.42 -10.04 3.23
CA GLY A 20 7.94 -9.04 4.17
C GLY A 20 8.27 -7.63 3.73
N ILE A 21 8.10 -7.35 2.45
CA ILE A 21 8.40 -6.03 1.91
C ILE A 21 7.15 -5.15 1.91
N PRO A 22 7.29 -3.92 2.42
CA PRO A 22 6.19 -2.96 2.49
C PRO A 22 5.78 -2.43 1.12
N TYR A 23 4.84 -3.12 0.48
CA TYR A 23 4.37 -2.73 -0.84
C TYR A 23 2.88 -2.44 -0.83
N PHE A 24 2.44 -1.55 -1.71
CA PHE A 24 1.03 -1.18 -1.80
C PHE A 24 0.39 -1.77 -3.04
N VAL A 25 -0.91 -2.04 -2.96
CA VAL A 25 -1.64 -2.61 -4.09
C VAL A 25 -2.86 -1.75 -4.45
N ASP A 26 -2.98 -1.42 -5.73
CA ASP A 26 -4.09 -0.60 -6.19
C ASP A 26 -5.21 -1.48 -6.77
N HIS A 27 -6.42 -1.30 -6.27
CA HIS A 27 -7.56 -2.07 -6.73
C HIS A 27 -8.09 -1.54 -8.06
N ASN A 28 -8.34 -0.23 -8.10
CA ASN A 28 -8.84 0.40 -9.32
C ASN A 28 -7.82 0.28 -10.45
N ARG A 29 -6.58 0.63 -10.16
CA ARG A 29 -5.51 0.56 -11.15
C ARG A 29 -5.07 -0.89 -11.38
N ARG A 30 -5.21 -1.72 -10.35
CA ARG A 30 -4.83 -3.12 -10.44
C ARG A 30 -3.34 -3.27 -10.77
N THR A 31 -2.52 -2.45 -10.11
CA THR A 31 -1.07 -2.48 -10.33
C THR A 31 -0.32 -2.58 -9.01
N THR A 32 0.98 -2.88 -9.08
CA THR A 32 1.81 -3.01 -7.90
C THR A 32 3.10 -2.21 -8.05
N THR A 33 3.35 -1.32 -7.10
CA THR A 33 4.55 -0.48 -7.12
C THR A 33 5.20 -0.41 -5.74
N TYR A 34 6.53 -0.44 -5.72
CA TYR A 34 7.27 -0.38 -4.47
C TYR A 34 7.23 1.03 -3.87
N ILE A 35 7.30 2.03 -4.74
CA ILE A 35 7.27 3.42 -4.31
C ILE A 35 5.99 3.72 -3.53
N ASP A 36 6.13 4.54 -2.49
CA ASP A 36 4.99 4.91 -1.65
C ASP A 36 4.25 6.10 -2.25
N PRO A 37 2.91 6.10 -2.11
CA PRO A 37 2.06 7.17 -2.63
C PRO A 37 2.22 8.47 -1.85
N ARG A 38 2.12 8.37 -0.53
CA ARG A 38 2.26 9.55 0.33
C ARG A 38 3.45 10.41 -0.10
N THR A 39 4.64 9.83 -0.02
CA THR A 39 5.86 10.53 -0.41
C THR A 39 5.82 10.95 -1.88
N GLY A 40 5.38 10.01 -2.72
CA GLY A 40 5.31 10.29 -4.15
C GLY A 40 4.06 9.71 -4.78
N GLY A 1 -12.26 11.38 12.00
CA GLY A 1 -12.19 11.86 10.63
C GLY A 1 -11.01 11.30 9.87
N SER A 2 -9.89 12.02 9.88
CA SER A 2 -8.68 11.59 9.20
C SER A 2 -7.82 10.71 10.10
N SER A 3 -6.81 10.08 9.51
CA SER A 3 -5.91 9.21 10.27
C SER A 3 -4.45 9.63 10.07
N GLY A 4 -3.63 9.38 11.08
CA GLY A 4 -2.23 9.74 11.00
C GLY A 4 -1.38 8.62 10.41
N SER A 5 -1.40 7.46 11.06
CA SER A 5 -0.62 6.32 10.61
C SER A 5 -1.42 5.49 9.61
N SER A 6 -0.77 5.05 8.54
CA SER A 6 -1.42 4.24 7.51
C SER A 6 -2.61 4.99 6.92
N GLY A 7 -2.42 6.27 6.65
CA GLY A 7 -3.49 7.08 6.07
C GLY A 7 -3.49 7.04 4.56
N LEU A 8 -3.41 5.84 4.00
CA LEU A 8 -3.40 5.68 2.56
C LEU A 8 -4.70 6.17 1.93
N PRO A 9 -4.65 6.55 0.65
CA PRO A 9 -5.82 7.04 -0.07
C PRO A 9 -6.85 5.95 -0.34
N GLU A 10 -8.05 6.35 -0.72
CA GLU A 10 -9.12 5.40 -1.01
C GLU A 10 -8.74 4.49 -2.18
N GLY A 11 -8.83 3.18 -1.96
CA GLY A 11 -8.50 2.24 -3.00
C GLY A 11 -7.14 1.59 -2.79
N TRP A 12 -6.17 2.38 -2.36
CA TRP A 12 -4.81 1.88 -2.12
C TRP A 12 -4.77 1.03 -0.86
N GLU A 13 -4.16 -0.15 -0.98
CA GLU A 13 -4.05 -1.06 0.15
C GLU A 13 -2.60 -1.23 0.58
N MET A 14 -2.39 -1.90 1.71
CA MET A 14 -1.05 -2.13 2.23
C MET A 14 -0.84 -3.60 2.58
N ARG A 15 0.23 -4.19 2.06
CA ARG A 15 0.53 -5.59 2.33
C ARG A 15 2.03 -5.84 2.28
N PHE A 16 2.43 -7.07 2.58
CA PHE A 16 3.84 -7.44 2.59
C PHE A 16 4.05 -8.81 1.93
N THR A 17 5.01 -8.89 1.03
CA THR A 17 5.31 -10.14 0.33
C THR A 17 5.91 -11.16 1.29
N VAL A 18 6.13 -12.37 0.78
CA VAL A 18 6.70 -13.46 1.58
C VAL A 18 7.82 -12.93 2.47
N ASP A 19 8.91 -12.51 1.85
CA ASP A 19 10.06 -11.99 2.59
C ASP A 19 9.62 -10.97 3.63
N GLY A 20 8.59 -10.21 3.31
CA GLY A 20 8.09 -9.21 4.23
C GLY A 20 8.46 -7.79 3.81
N ILE A 21 8.32 -7.52 2.52
CA ILE A 21 8.64 -6.18 2.00
C ILE A 21 7.40 -5.32 1.91
N PRO A 22 7.53 -4.04 2.28
CA PRO A 22 6.43 -3.07 2.24
C PRO A 22 6.03 -2.71 0.82
N TYR A 23 4.86 -3.22 0.41
CA TYR A 23 4.36 -2.95 -0.93
C TYR A 23 2.88 -2.60 -0.90
N PHE A 24 2.43 -1.82 -1.87
CA PHE A 24 1.03 -1.41 -1.95
C PHE A 24 0.34 -2.06 -3.14
N VAL A 25 -0.98 -2.17 -3.08
CA VAL A 25 -1.75 -2.77 -4.15
C VAL A 25 -2.91 -1.87 -4.57
N ASP A 26 -3.02 -1.64 -5.88
CA ASP A 26 -4.09 -0.79 -6.42
C ASP A 26 -5.26 -1.63 -6.91
N HIS A 27 -6.46 -1.33 -6.41
CA HIS A 27 -7.65 -2.06 -6.81
C HIS A 27 -8.22 -1.51 -8.11
N ASN A 28 -8.28 -0.19 -8.21
CA ASN A 28 -8.81 0.46 -9.41
C ASN A 28 -7.81 0.38 -10.55
N ARG A 29 -6.61 0.89 -10.32
CA ARG A 29 -5.56 0.88 -11.33
C ARG A 29 -5.08 -0.55 -11.61
N ARG A 30 -5.26 -1.43 -10.62
CA ARG A 30 -4.85 -2.81 -10.74
C ARG A 30 -3.36 -2.92 -11.05
N THR A 31 -2.56 -2.16 -10.30
CA THR A 31 -1.11 -2.16 -10.49
C THR A 31 -0.38 -2.38 -9.17
N THR A 32 0.90 -2.69 -9.25
CA THR A 32 1.71 -2.92 -8.06
C THR A 32 3.04 -2.17 -8.14
N THR A 33 3.39 -1.48 -7.06
CA THR A 33 4.63 -0.73 -7.01
C THR A 33 5.18 -0.65 -5.59
N TYR A 34 6.47 -0.41 -5.47
CA TYR A 34 7.11 -0.31 -4.15
C TYR A 34 7.12 1.13 -3.66
N ILE A 35 7.31 2.07 -4.58
CA ILE A 35 7.34 3.49 -4.23
C ILE A 35 6.04 3.91 -3.55
N ASP A 36 6.17 4.56 -2.39
CA ASP A 36 5.03 5.02 -1.63
C ASP A 36 4.29 6.13 -2.37
N PRO A 37 2.97 5.98 -2.51
CA PRO A 37 2.13 6.97 -3.20
C PRO A 37 2.00 8.27 -2.41
N ARG A 38 1.78 8.15 -1.11
CA ARG A 38 1.63 9.32 -0.24
C ARG A 38 2.73 10.34 -0.53
N THR A 39 3.98 9.93 -0.34
CA THR A 39 5.11 10.81 -0.57
C THR A 39 6.39 10.01 -0.82
N GLY A 40 6.84 9.99 -2.07
CA GLY A 40 8.04 9.27 -2.42
C GLY A 40 7.80 8.23 -3.51
N GLY A 1 -2.01 -8.97 14.81
CA GLY A 1 -1.32 -7.77 14.40
C GLY A 1 -2.16 -6.52 14.53
N SER A 2 -2.22 -5.73 13.47
CA SER A 2 -3.00 -4.50 13.47
C SER A 2 -3.95 -4.45 12.27
N SER A 3 -5.24 -4.28 12.54
CA SER A 3 -6.24 -4.23 11.48
C SER A 3 -6.49 -2.79 11.04
N GLY A 4 -6.76 -2.60 9.76
CA GLY A 4 -7.00 -1.28 9.23
C GLY A 4 -5.75 -0.63 8.66
N SER A 5 -5.93 0.36 7.80
CA SER A 5 -4.82 1.06 7.18
C SER A 5 -4.54 2.38 7.89
N SER A 6 -3.29 2.85 7.78
CA SER A 6 -2.90 4.10 8.42
C SER A 6 -3.71 5.27 7.85
N GLY A 7 -3.59 5.50 6.55
CA GLY A 7 -4.32 6.58 5.92
C GLY A 7 -4.06 6.67 4.43
N LEU A 8 -4.09 5.52 3.76
CA LEU A 8 -3.84 5.47 2.32
C LEU A 8 -5.11 5.85 1.54
N PRO A 9 -4.91 6.38 0.33
CA PRO A 9 -6.02 6.79 -0.54
C PRO A 9 -6.82 5.60 -1.08
N GLU A 10 -7.96 5.89 -1.68
CA GLU A 10 -8.81 4.84 -2.24
C GLU A 10 -8.03 3.98 -3.23
N GLY A 11 -8.34 2.69 -3.26
CA GLY A 11 -7.66 1.77 -4.16
C GLY A 11 -6.30 1.36 -3.65
N TRP A 12 -5.55 2.31 -3.13
CA TRP A 12 -4.21 2.03 -2.60
C TRP A 12 -4.30 1.26 -1.29
N GLU A 13 -3.77 0.03 -1.29
CA GLU A 13 -3.79 -0.80 -0.10
C GLU A 13 -2.37 -1.13 0.36
N MET A 14 -2.25 -1.63 1.58
CA MET A 14 -0.95 -1.98 2.14
C MET A 14 -0.82 -3.49 2.31
N ARG A 15 0.31 -4.03 1.87
CA ARG A 15 0.56 -5.47 1.97
C ARG A 15 2.05 -5.76 1.95
N PHE A 16 2.41 -7.00 2.26
CA PHE A 16 3.81 -7.42 2.27
C PHE A 16 3.98 -8.79 1.62
N THR A 17 5.04 -8.93 0.83
CA THR A 17 5.32 -10.19 0.15
C THR A 17 5.86 -11.23 1.11
N VAL A 18 5.94 -12.48 0.65
CA VAL A 18 6.44 -13.57 1.47
C VAL A 18 7.64 -13.13 2.30
N ASP A 19 8.55 -12.40 1.66
CA ASP A 19 9.75 -11.92 2.35
C ASP A 19 9.40 -10.86 3.39
N GLY A 20 8.35 -10.09 3.11
CA GLY A 20 7.93 -9.05 4.04
C GLY A 20 8.32 -7.67 3.58
N ILE A 21 8.13 -7.39 2.29
CA ILE A 21 8.49 -6.09 1.72
C ILE A 21 7.29 -5.14 1.77
N PRO A 22 7.55 -3.91 2.26
CA PRO A 22 6.51 -2.88 2.37
C PRO A 22 6.06 -2.35 1.01
N TYR A 23 5.02 -2.97 0.46
CA TYR A 23 4.49 -2.57 -0.84
C TYR A 23 2.99 -2.30 -0.76
N PHE A 24 2.47 -1.59 -1.76
CA PHE A 24 1.06 -1.27 -1.81
C PHE A 24 0.41 -1.80 -3.08
N VAL A 25 -0.87 -2.15 -2.99
CA VAL A 25 -1.61 -2.68 -4.13
C VAL A 25 -2.80 -1.80 -4.48
N ASP A 26 -2.93 -1.47 -5.76
CA ASP A 26 -4.04 -0.63 -6.22
C ASP A 26 -5.18 -1.49 -6.76
N HIS A 27 -6.36 -1.31 -6.19
CA HIS A 27 -7.54 -2.07 -6.62
C HIS A 27 -8.12 -1.48 -7.91
N ASN A 28 -8.14 -0.16 -8.00
CA ASN A 28 -8.68 0.51 -9.18
C ASN A 28 -7.72 0.38 -10.36
N ARG A 29 -6.45 0.68 -10.12
CA ARG A 29 -5.44 0.59 -11.17
C ARG A 29 -5.02 -0.86 -11.39
N ARG A 30 -5.14 -1.68 -10.35
CA ARG A 30 -4.78 -3.09 -10.45
C ARG A 30 -3.29 -3.24 -10.74
N THR A 31 -2.47 -2.46 -10.05
CA THR A 31 -1.02 -2.51 -10.25
C THR A 31 -0.29 -2.63 -8.91
N THR A 32 1.00 -2.95 -8.98
CA THR A 32 1.81 -3.10 -7.77
C THR A 32 3.11 -2.33 -7.90
N THR A 33 3.38 -1.47 -6.93
CA THR A 33 4.60 -0.67 -6.92
C THR A 33 5.20 -0.60 -5.53
N TYR A 34 6.53 -0.55 -5.47
CA TYR A 34 7.23 -0.47 -4.19
C TYR A 34 7.14 0.92 -3.59
N ILE A 35 7.17 1.93 -4.44
CA ILE A 35 7.08 3.32 -4.00
C ILE A 35 5.72 3.60 -3.36
N ASP A 36 5.73 4.37 -2.28
CA ASP A 36 4.50 4.72 -1.58
C ASP A 36 3.78 5.87 -2.28
N PRO A 37 2.45 5.80 -2.32
CA PRO A 37 1.62 6.83 -2.96
C PRO A 37 1.62 8.14 -2.18
N ARG A 38 1.40 8.05 -0.87
CA ARG A 38 1.38 9.24 -0.02
C ARG A 38 2.57 10.15 -0.32
N THR A 39 3.74 9.55 -0.46
CA THR A 39 4.96 10.30 -0.75
C THR A 39 5.16 10.46 -2.25
N GLY A 40 5.24 9.33 -2.95
CA GLY A 40 5.44 9.37 -4.39
C GLY A 40 4.22 9.88 -5.13
N GLY A 1 7.16 -0.33 17.67
CA GLY A 1 6.23 0.71 18.09
C GLY A 1 6.52 2.04 17.43
N SER A 2 5.45 2.78 17.12
CA SER A 2 5.60 4.08 16.47
C SER A 2 4.51 5.05 16.95
N SER A 3 4.65 6.32 16.58
CA SER A 3 3.68 7.33 16.98
C SER A 3 2.74 7.65 15.81
N GLY A 4 1.44 7.63 16.10
CA GLY A 4 0.46 7.91 15.07
C GLY A 4 -0.10 6.65 14.43
N SER A 5 -0.47 6.75 13.15
CA SER A 5 -1.03 5.62 12.43
C SER A 5 -1.00 5.87 10.93
N SER A 6 -1.01 4.80 10.15
CA SER A 6 -1.00 4.90 8.69
C SER A 6 -2.23 5.64 8.19
N GLY A 7 -2.13 6.20 6.99
CA GLY A 7 -3.24 6.94 6.41
C GLY A 7 -3.24 6.89 4.89
N LEU A 8 -3.36 5.70 4.33
CA LEU A 8 -3.37 5.53 2.88
C LEU A 8 -4.69 6.01 2.28
N PRO A 9 -4.64 6.50 1.04
CA PRO A 9 -5.82 7.00 0.32
C PRO A 9 -6.77 5.87 -0.06
N GLU A 10 -7.98 6.25 -0.47
CA GLU A 10 -8.99 5.28 -0.86
C GLU A 10 -8.51 4.44 -2.05
N GLY A 11 -8.66 3.13 -1.92
CA GLY A 11 -8.23 2.23 -2.99
C GLY A 11 -6.86 1.63 -2.72
N TRP A 12 -5.94 2.44 -2.23
CA TRP A 12 -4.59 1.98 -1.95
C TRP A 12 -4.58 1.07 -0.72
N GLU A 13 -4.01 -0.12 -0.88
CA GLU A 13 -3.93 -1.08 0.22
C GLU A 13 -2.48 -1.34 0.62
N MET A 14 -2.30 -1.96 1.79
CA MET A 14 -0.97 -2.27 2.28
C MET A 14 -0.81 -3.77 2.54
N ARG A 15 0.32 -4.32 2.10
CA ARG A 15 0.59 -5.74 2.28
C ARG A 15 2.10 -6.01 2.30
N PHE A 16 2.46 -7.24 2.65
CA PHE A 16 3.87 -7.62 2.71
C PHE A 16 4.09 -8.99 2.08
N THR A 17 5.05 -9.08 1.16
CA THR A 17 5.35 -10.34 0.49
C THR A 17 5.98 -11.33 1.45
N VAL A 18 6.13 -12.57 0.98
CA VAL A 18 6.72 -13.63 1.80
C VAL A 18 7.94 -13.10 2.57
N ASP A 19 8.81 -12.37 1.88
CA ASP A 19 10.01 -11.82 2.49
C ASP A 19 9.64 -10.83 3.58
N GLY A 20 8.57 -10.06 3.36
CA GLY A 20 8.14 -9.08 4.33
C GLY A 20 8.42 -7.66 3.89
N ILE A 21 8.27 -7.40 2.59
CA ILE A 21 8.51 -6.07 2.05
C ILE A 21 7.23 -5.25 2.01
N PRO A 22 7.30 -4.01 2.52
CA PRO A 22 6.15 -3.10 2.55
C PRO A 22 5.76 -2.61 1.17
N TYR A 23 4.82 -3.31 0.54
CA TYR A 23 4.36 -2.95 -0.79
C TYR A 23 2.87 -2.61 -0.78
N PHE A 24 2.43 -1.86 -1.78
CA PHE A 24 1.04 -1.46 -1.88
C PHE A 24 0.39 -2.06 -3.14
N VAL A 25 -0.93 -2.17 -3.11
CA VAL A 25 -1.67 -2.73 -4.24
C VAL A 25 -2.82 -1.83 -4.65
N ASP A 26 -2.92 -1.54 -5.95
CA ASP A 26 -3.99 -0.69 -6.46
C ASP A 26 -5.15 -1.52 -7.00
N HIS A 27 -6.35 -1.23 -6.51
CA HIS A 27 -7.54 -1.95 -6.95
C HIS A 27 -8.16 -1.30 -8.18
N ASN A 28 -8.19 0.03 -8.18
CA ASN A 28 -8.75 0.77 -9.30
C ASN A 28 -7.86 0.66 -10.54
N ARG A 29 -6.56 0.87 -10.34
CA ARG A 29 -5.61 0.80 -11.43
C ARG A 29 -5.17 -0.64 -11.68
N ARG A 30 -5.33 -1.49 -10.67
CA ARG A 30 -4.95 -2.89 -10.77
C ARG A 30 -3.47 -3.03 -11.10
N THR A 31 -2.65 -2.24 -10.42
CA THR A 31 -1.20 -2.27 -10.63
C THR A 31 -0.45 -2.36 -9.31
N THR A 32 0.84 -2.68 -9.39
CA THR A 32 1.67 -2.79 -8.20
C THR A 32 2.97 -2.01 -8.35
N THR A 33 3.41 -1.38 -7.27
CA THR A 33 4.63 -0.58 -7.29
C THR A 33 5.27 -0.52 -5.90
N TYR A 34 6.58 -0.32 -5.87
CA TYR A 34 7.31 -0.24 -4.60
C TYR A 34 7.25 1.17 -4.03
N ILE A 35 7.25 2.16 -4.92
CA ILE A 35 7.20 3.56 -4.51
C ILE A 35 5.96 3.84 -3.68
N ASP A 36 6.12 4.62 -2.61
CA ASP A 36 5.01 4.96 -1.74
C ASP A 36 4.12 6.03 -2.38
N PRO A 37 2.80 5.84 -2.27
CA PRO A 37 1.82 6.77 -2.84
C PRO A 37 1.79 8.10 -2.10
N ARG A 38 2.10 8.06 -0.80
CA ARG A 38 2.11 9.26 0.02
C ARG A 38 3.31 10.14 -0.31
N THR A 39 4.49 9.52 -0.35
CA THR A 39 5.72 10.25 -0.66
C THR A 39 5.80 10.60 -2.13
N GLY A 40 5.65 9.60 -2.99
CA GLY A 40 5.71 9.83 -4.42
C GLY A 40 7.10 10.17 -4.90
N GLY A 1 -15.14 -4.12 16.41
CA GLY A 1 -14.12 -4.63 15.51
C GLY A 1 -12.90 -3.74 15.44
N SER A 2 -12.25 -3.72 14.28
CA SER A 2 -11.06 -2.89 14.09
C SER A 2 -10.94 -2.46 12.64
N SER A 3 -10.01 -1.55 12.37
CA SER A 3 -9.78 -1.05 11.03
C SER A 3 -8.29 -0.78 10.79
N GLY A 4 -7.96 -0.44 9.55
CA GLY A 4 -6.57 -0.17 9.20
C GLY A 4 -6.02 1.03 9.94
N SER A 5 -6.70 2.17 9.84
CA SER A 5 -6.27 3.39 10.50
C SER A 5 -4.90 3.82 9.99
N SER A 6 -4.70 3.72 8.68
CA SER A 6 -3.43 4.10 8.07
C SER A 6 -3.57 5.41 7.29
N GLY A 7 -2.44 6.04 7.00
CA GLY A 7 -2.45 7.29 6.27
C GLY A 7 -2.33 7.09 4.78
N LEU A 8 -3.16 6.22 4.22
CA LEU A 8 -3.15 5.94 2.80
C LEU A 8 -4.43 6.40 2.12
N PRO A 9 -4.32 6.81 0.85
CA PRO A 9 -5.46 7.29 0.06
C PRO A 9 -6.45 6.17 -0.26
N GLU A 10 -7.66 6.55 -0.65
CA GLU A 10 -8.70 5.58 -0.99
C GLU A 10 -8.27 4.71 -2.16
N GLY A 11 -8.47 3.41 -2.03
CA GLY A 11 -8.09 2.48 -3.09
C GLY A 11 -6.72 1.88 -2.86
N TRP A 12 -5.79 2.68 -2.36
CA TRP A 12 -4.43 2.21 -2.11
C TRP A 12 -4.40 1.28 -0.90
N GLU A 13 -3.77 0.12 -1.08
CA GLU A 13 -3.67 -0.86 -0.01
C GLU A 13 -2.22 -1.19 0.30
N MET A 14 -1.98 -1.78 1.47
CA MET A 14 -0.62 -2.15 1.88
C MET A 14 -0.55 -3.62 2.28
N ARG A 15 0.58 -4.25 2.00
CA ARG A 15 0.76 -5.66 2.34
C ARG A 15 2.24 -6.01 2.42
N PHE A 16 2.55 -7.24 2.80
CA PHE A 16 3.93 -7.71 2.91
C PHE A 16 4.11 -9.07 2.25
N THR A 17 5.09 -9.17 1.37
CA THR A 17 5.37 -10.41 0.67
C THR A 17 5.98 -11.45 1.61
N VAL A 18 6.10 -12.68 1.13
CA VAL A 18 6.66 -13.76 1.92
C VAL A 18 7.95 -13.31 2.62
N ASP A 19 8.67 -12.40 1.99
CA ASP A 19 9.92 -11.89 2.55
C ASP A 19 9.64 -10.84 3.62
N GLY A 20 8.53 -10.12 3.47
CA GLY A 20 8.17 -9.10 4.43
C GLY A 20 8.47 -7.70 3.93
N ILE A 21 8.22 -7.47 2.64
CA ILE A 21 8.47 -6.16 2.04
C ILE A 21 7.19 -5.35 1.95
N PRO A 22 7.26 -4.10 2.43
CA PRO A 22 6.12 -3.18 2.42
C PRO A 22 5.75 -2.73 1.01
N TYR A 23 4.88 -3.49 0.35
CA TYR A 23 4.45 -3.16 -1.01
C TYR A 23 2.99 -2.75 -1.04
N PHE A 24 2.65 -1.85 -1.94
CA PHE A 24 1.28 -1.37 -2.08
C PHE A 24 0.60 -2.00 -3.29
N VAL A 25 -0.72 -2.11 -3.23
CA VAL A 25 -1.49 -2.69 -4.32
C VAL A 25 -2.64 -1.78 -4.73
N ASP A 26 -2.76 -1.53 -6.03
CA ASP A 26 -3.82 -0.67 -6.55
C ASP A 26 -4.99 -1.51 -7.05
N HIS A 27 -6.17 -1.27 -6.47
CA HIS A 27 -7.37 -1.99 -6.86
C HIS A 27 -7.99 -1.39 -8.12
N ASN A 28 -8.16 -0.08 -8.13
CA ASN A 28 -8.74 0.61 -9.28
C ASN A 28 -7.84 0.47 -10.50
N ARG A 29 -6.58 0.85 -10.36
CA ARG A 29 -5.62 0.77 -11.46
C ARG A 29 -5.19 -0.67 -11.68
N ARG A 30 -5.43 -1.53 -10.69
CA ARG A 30 -5.05 -2.93 -10.78
C ARG A 30 -3.56 -3.08 -11.07
N THR A 31 -2.76 -2.21 -10.46
CA THR A 31 -1.31 -2.24 -10.66
C THR A 31 -0.58 -2.28 -9.32
N THR A 32 0.69 -2.68 -9.37
CA THR A 32 1.50 -2.75 -8.16
C THR A 32 2.77 -1.91 -8.28
N THR A 33 3.08 -1.16 -7.23
CA THR A 33 4.26 -0.30 -7.23
C THR A 33 4.84 -0.19 -5.82
N TYR A 34 6.16 -0.29 -5.73
CA TYR A 34 6.85 -0.20 -4.44
C TYR A 34 6.84 1.24 -3.93
N ILE A 35 6.95 2.19 -4.85
CA ILE A 35 6.96 3.60 -4.49
C ILE A 35 5.74 3.95 -3.64
N ASP A 36 5.99 4.50 -2.45
CA ASP A 36 4.92 4.90 -1.55
C ASP A 36 3.97 5.89 -2.22
N PRO A 37 2.67 5.73 -1.93
CA PRO A 37 1.63 6.61 -2.50
C PRO A 37 1.70 8.02 -1.94
N ARG A 38 1.81 8.13 -0.62
CA ARG A 38 1.88 9.43 0.03
C ARG A 38 3.00 10.27 -0.54
N THR A 39 4.21 9.69 -0.60
CA THR A 39 5.38 10.39 -1.13
C THR A 39 5.31 10.47 -2.65
N GLY A 40 5.20 9.32 -3.30
CA GLY A 40 5.13 9.29 -4.75
C GLY A 40 3.87 9.93 -5.29
N GLY A 1 2.18 -2.28 15.19
CA GLY A 1 1.45 -1.03 15.11
C GLY A 1 0.10 -1.10 15.79
N SER A 2 -0.22 -0.07 16.57
CA SER A 2 -1.50 -0.03 17.29
C SER A 2 -2.06 1.39 17.29
N SER A 3 -3.24 1.54 16.69
CA SER A 3 -3.90 2.84 16.61
C SER A 3 -3.01 3.86 15.89
N GLY A 4 -2.36 3.41 14.82
CA GLY A 4 -1.48 4.29 14.07
C GLY A 4 -1.65 4.12 12.57
N SER A 5 -2.55 4.88 11.98
CA SER A 5 -2.80 4.80 10.54
C SER A 5 -2.07 5.92 9.80
N SER A 6 -1.16 5.55 8.90
CA SER A 6 -0.40 6.51 8.13
C SER A 6 -1.32 7.50 7.44
N GLY A 7 -2.30 6.97 6.71
CA GLY A 7 -3.25 7.82 5.99
C GLY A 7 -3.13 7.68 4.49
N LEU A 8 -3.37 6.48 4.00
CA LEU A 8 -3.30 6.20 2.56
C LEU A 8 -4.59 6.64 1.86
N PRO A 9 -4.47 6.91 0.55
CA PRO A 9 -5.63 7.34 -0.26
C PRO A 9 -6.63 6.21 -0.48
N GLU A 10 -7.78 6.56 -1.05
CA GLU A 10 -8.83 5.58 -1.31
C GLU A 10 -8.40 4.62 -2.42
N GLY A 11 -8.45 3.33 -2.13
CA GLY A 11 -8.07 2.32 -3.11
C GLY A 11 -6.72 1.70 -2.81
N TRP A 12 -5.77 2.53 -2.40
CA TRP A 12 -4.43 2.05 -2.08
C TRP A 12 -4.44 1.17 -0.83
N GLU A 13 -3.87 -0.01 -0.96
CA GLU A 13 -3.80 -0.95 0.16
C GLU A 13 -2.38 -1.11 0.67
N MET A 14 -2.23 -1.84 1.77
CA MET A 14 -0.91 -2.07 2.36
C MET A 14 -0.74 -3.53 2.75
N ARG A 15 0.25 -4.19 2.17
CA ARG A 15 0.52 -5.59 2.45
C ARG A 15 2.01 -5.87 2.44
N PHE A 16 2.39 -7.11 2.76
CA PHE A 16 3.78 -7.50 2.79
C PHE A 16 4.01 -8.75 1.93
N THR A 17 5.10 -8.73 1.16
CA THR A 17 5.43 -9.85 0.29
C THR A 17 5.82 -11.09 1.09
N VAL A 18 5.86 -12.23 0.43
CA VAL A 18 6.23 -13.49 1.09
C VAL A 18 7.45 -13.30 1.98
N ASP A 19 8.47 -12.63 1.45
CA ASP A 19 9.70 -12.38 2.20
C ASP A 19 9.43 -11.46 3.39
N GLY A 20 8.51 -10.52 3.21
CA GLY A 20 8.18 -9.59 4.28
C GLY A 20 8.47 -8.15 3.90
N ILE A 21 8.33 -7.83 2.61
CA ILE A 21 8.58 -6.49 2.14
C ILE A 21 7.29 -5.69 2.05
N PRO A 22 7.30 -4.48 2.63
CA PRO A 22 6.13 -3.59 2.63
C PRO A 22 5.84 -3.01 1.25
N TYR A 23 4.64 -3.28 0.74
CA TYR A 23 4.25 -2.80 -0.57
C TYR A 23 2.77 -2.45 -0.60
N PHE A 24 2.35 -1.72 -1.62
CA PHE A 24 0.95 -1.32 -1.77
C PHE A 24 0.36 -1.87 -3.06
N VAL A 25 -0.89 -2.29 -3.00
CA VAL A 25 -1.58 -2.84 -4.16
C VAL A 25 -2.73 -1.94 -4.60
N ASP A 26 -2.77 -1.64 -5.89
CA ASP A 26 -3.83 -0.79 -6.43
C ASP A 26 -4.96 -1.63 -7.04
N HIS A 27 -6.16 -1.45 -6.51
CA HIS A 27 -7.32 -2.19 -6.99
C HIS A 27 -7.84 -1.59 -8.30
N ASN A 28 -8.17 -0.31 -8.27
CA ASN A 28 -8.68 0.38 -9.45
C ASN A 28 -7.75 0.18 -10.64
N ARG A 29 -6.46 0.40 -10.41
CA ARG A 29 -5.46 0.24 -11.46
C ARG A 29 -5.05 -1.21 -11.62
N ARG A 30 -5.27 -2.00 -10.57
CA ARG A 30 -4.92 -3.41 -10.58
C ARG A 30 -3.42 -3.59 -10.77
N THR A 31 -2.64 -2.67 -10.21
CA THR A 31 -1.19 -2.72 -10.32
C THR A 31 -0.52 -2.46 -8.99
N THR A 32 0.77 -2.74 -8.90
CA THR A 32 1.52 -2.51 -7.67
C THR A 32 2.83 -1.76 -7.94
N THR A 33 3.22 -0.92 -7.00
CA THR A 33 4.45 -0.15 -7.14
C THR A 33 5.20 -0.05 -5.82
N TYR A 34 6.52 0.04 -5.89
CA TYR A 34 7.35 0.13 -4.69
C TYR A 34 7.31 1.53 -4.11
N ILE A 35 7.28 2.53 -4.99
CA ILE A 35 7.23 3.93 -4.56
C ILE A 35 5.99 4.21 -3.71
N ASP A 36 6.11 5.15 -2.79
CA ASP A 36 5.00 5.51 -1.92
C ASP A 36 4.19 6.64 -2.52
N PRO A 37 2.85 6.54 -2.42
CA PRO A 37 1.93 7.54 -2.95
C PRO A 37 1.98 8.84 -2.16
N ARG A 38 2.28 8.75 -0.88
CA ARG A 38 2.36 9.91 -0.02
C ARG A 38 3.66 10.69 -0.27
N THR A 39 4.73 9.95 -0.57
CA THR A 39 6.03 10.57 -0.83
C THR A 39 6.83 9.74 -1.83
N GLY A 40 6.87 10.19 -3.07
CA GLY A 40 7.62 9.47 -4.09
C GLY A 40 7.65 10.20 -5.42
N GLY A 1 -9.94 1.97 21.80
CA GLY A 1 -9.97 2.83 20.64
C GLY A 1 -9.70 2.08 19.35
N SER A 2 -10.41 2.44 18.29
CA SER A 2 -10.25 1.78 16.99
C SER A 2 -8.91 2.16 16.36
N SER A 3 -8.35 1.25 15.57
CA SER A 3 -7.07 1.48 14.91
C SER A 3 -7.03 2.87 14.30
N GLY A 4 -8.10 3.24 13.58
CA GLY A 4 -8.16 4.54 12.95
C GLY A 4 -7.73 4.50 11.50
N SER A 5 -7.73 5.67 10.86
CA SER A 5 -7.34 5.76 9.46
C SER A 5 -5.89 5.34 9.27
N SER A 6 -5.68 4.38 8.38
CA SER A 6 -4.33 3.88 8.09
C SER A 6 -3.44 4.99 7.55
N GLY A 7 -3.97 5.75 6.60
CA GLY A 7 -3.20 6.84 6.03
C GLY A 7 -3.28 6.85 4.50
N LEU A 8 -3.21 5.67 3.90
CA LEU A 8 -3.27 5.55 2.45
C LEU A 8 -4.62 6.03 1.92
N PRO A 9 -4.63 6.50 0.66
CA PRO A 9 -5.84 7.00 0.01
C PRO A 9 -6.83 5.89 -0.30
N GLU A 10 -7.98 6.27 -0.86
CA GLU A 10 -9.02 5.29 -1.20
C GLU A 10 -8.57 4.41 -2.36
N GLY A 11 -8.77 3.10 -2.22
CA GLY A 11 -8.38 2.18 -3.26
C GLY A 11 -7.02 1.56 -3.02
N TRP A 12 -6.09 2.36 -2.52
CA TRP A 12 -4.74 1.89 -2.23
C TRP A 12 -4.71 1.01 -1.00
N GLU A 13 -4.20 -0.21 -1.15
CA GLU A 13 -4.12 -1.15 -0.04
C GLU A 13 -2.66 -1.37 0.38
N MET A 14 -2.48 -2.04 1.51
CA MET A 14 -1.15 -2.32 2.04
C MET A 14 -0.97 -3.82 2.27
N ARG A 15 0.17 -4.34 1.83
CA ARG A 15 0.49 -5.76 1.99
C ARG A 15 1.99 -5.99 2.02
N PHE A 16 2.39 -7.19 2.43
CA PHE A 16 3.80 -7.54 2.51
C PHE A 16 4.05 -8.94 1.94
N THR A 17 5.13 -9.08 1.19
CA THR A 17 5.49 -10.36 0.59
C THR A 17 6.01 -11.33 1.63
N VAL A 18 6.14 -12.59 1.24
CA VAL A 18 6.64 -13.63 2.15
C VAL A 18 7.89 -13.16 2.89
N ASP A 19 8.82 -12.55 2.15
CA ASP A 19 10.05 -12.05 2.75
C ASP A 19 9.76 -10.90 3.71
N GLY A 20 8.63 -10.24 3.51
CA GLY A 20 8.26 -9.13 4.38
C GLY A 20 8.61 -7.79 3.76
N ILE A 21 8.25 -7.60 2.50
CA ILE A 21 8.52 -6.35 1.81
C ILE A 21 7.29 -5.43 1.81
N PRO A 22 7.47 -4.22 2.34
CA PRO A 22 6.39 -3.22 2.41
C PRO A 22 6.01 -2.68 1.04
N TYR A 23 4.93 -3.22 0.48
CA TYR A 23 4.47 -2.79 -0.83
C TYR A 23 2.98 -2.44 -0.79
N PHE A 24 2.52 -1.70 -1.80
CA PHE A 24 1.12 -1.31 -1.88
C PHE A 24 0.46 -1.88 -3.13
N VAL A 25 -0.87 -1.97 -3.11
CA VAL A 25 -1.62 -2.51 -4.24
C VAL A 25 -2.84 -1.65 -4.53
N ASP A 26 -3.01 -1.29 -5.80
CA ASP A 26 -4.14 -0.47 -6.22
C ASP A 26 -5.26 -1.34 -6.79
N HIS A 27 -6.46 -1.18 -6.25
CA HIS A 27 -7.61 -1.96 -6.71
C HIS A 27 -8.18 -1.36 -7.99
N ASN A 28 -8.25 -0.04 -8.05
CA ASN A 28 -8.79 0.66 -9.22
C ASN A 28 -7.81 0.57 -10.39
N ARG A 29 -6.56 0.89 -10.13
CA ARG A 29 -5.52 0.85 -11.15
C ARG A 29 -5.10 -0.58 -11.45
N ARG A 30 -5.23 -1.45 -10.45
CA ARG A 30 -4.86 -2.85 -10.59
C ARG A 30 -3.39 -2.98 -10.98
N THR A 31 -2.53 -2.23 -10.30
CA THR A 31 -1.10 -2.26 -10.56
C THR A 31 -0.31 -2.36 -9.27
N THR A 32 0.99 -2.68 -9.39
CA THR A 32 1.86 -2.81 -8.24
C THR A 32 3.10 -1.95 -8.39
N THR A 33 3.51 -1.30 -7.30
CA THR A 33 4.70 -0.45 -7.33
C THR A 33 5.32 -0.33 -5.94
N TYR A 34 6.64 -0.35 -5.89
CA TYR A 34 7.36 -0.26 -4.62
C TYR A 34 7.23 1.14 -4.03
N ILE A 35 7.27 2.15 -4.89
CA ILE A 35 7.16 3.54 -4.46
C ILE A 35 5.87 3.76 -3.68
N ASP A 36 5.95 4.57 -2.64
CA ASP A 36 4.80 4.88 -1.79
C ASP A 36 3.97 6.00 -2.40
N PRO A 37 2.64 5.87 -2.33
CA PRO A 37 1.71 6.87 -2.86
C PRO A 37 1.73 8.17 -2.07
N ARG A 38 1.76 8.04 -0.74
CA ARG A 38 1.79 9.21 0.14
C ARG A 38 2.97 10.11 -0.19
N THR A 39 4.18 9.58 0.00
CA THR A 39 5.40 10.34 -0.28
C THR A 39 5.64 10.47 -1.77
N GLY A 40 5.77 9.33 -2.45
CA GLY A 40 6.00 9.34 -3.87
C GLY A 40 4.95 10.12 -4.63
N GLY A 1 -4.27 -2.13 20.11
CA GLY A 1 -5.23 -2.52 19.10
C GLY A 1 -4.94 -1.88 17.76
N SER A 2 -4.88 -0.55 17.74
CA SER A 2 -4.62 0.19 16.51
C SER A 2 -3.18 0.69 16.47
N SER A 3 -2.40 0.17 15.53
CA SER A 3 -1.00 0.56 15.39
C SER A 3 -0.68 0.91 13.93
N GLY A 4 0.53 1.42 13.71
CA GLY A 4 0.94 1.78 12.37
C GLY A 4 0.95 3.28 12.15
N SER A 5 -0.19 3.92 12.40
CA SER A 5 -0.31 5.36 12.23
C SER A 5 -0.11 5.75 10.76
N SER A 6 -0.70 4.98 9.87
CA SER A 6 -0.58 5.23 8.44
C SER A 6 -1.77 6.04 7.93
N GLY A 7 -1.67 6.53 6.70
CA GLY A 7 -2.75 7.31 6.13
C GLY A 7 -2.79 7.22 4.61
N LEU A 8 -3.17 6.05 4.10
CA LEU A 8 -3.25 5.83 2.67
C LEU A 8 -4.58 6.32 2.11
N PRO A 9 -4.59 6.70 0.83
CA PRO A 9 -5.80 7.19 0.15
C PRO A 9 -6.82 6.08 -0.08
N GLU A 10 -7.97 6.45 -0.64
CA GLU A 10 -9.03 5.48 -0.91
C GLU A 10 -8.66 4.59 -2.09
N GLY A 11 -8.66 3.28 -1.86
CA GLY A 11 -8.32 2.34 -2.92
C GLY A 11 -6.96 1.71 -2.72
N TRP A 12 -6.00 2.51 -2.29
CA TRP A 12 -4.64 2.02 -2.07
C TRP A 12 -4.58 1.11 -0.85
N GLU A 13 -3.92 -0.03 -1.00
CA GLU A 13 -3.80 -1.00 0.09
C GLU A 13 -2.33 -1.26 0.42
N MET A 14 -2.08 -1.86 1.58
CA MET A 14 -0.73 -2.17 2.01
C MET A 14 -0.60 -3.64 2.37
N ARG A 15 0.53 -4.24 2.01
CA ARG A 15 0.78 -5.65 2.30
C ARG A 15 2.28 -5.95 2.29
N PHE A 16 2.62 -7.18 2.66
CA PHE A 16 4.02 -7.59 2.70
C PHE A 16 4.19 -8.98 2.08
N THR A 17 5.19 -9.11 1.20
CA THR A 17 5.46 -10.38 0.54
C THR A 17 6.08 -11.39 1.51
N VAL A 18 6.07 -12.66 1.12
CA VAL A 18 6.63 -13.71 1.96
C VAL A 18 7.97 -13.31 2.54
N ASP A 19 8.63 -12.36 1.88
CA ASP A 19 9.94 -11.87 2.32
C ASP A 19 9.78 -10.85 3.46
N GLY A 20 8.73 -10.05 3.37
CA GLY A 20 8.47 -9.04 4.39
C GLY A 20 8.74 -7.64 3.89
N ILE A 21 8.45 -7.39 2.62
CA ILE A 21 8.67 -6.08 2.02
C ILE A 21 7.35 -5.30 1.95
N PRO A 22 7.38 -4.07 2.48
CA PRO A 22 6.20 -3.19 2.48
C PRO A 22 5.86 -2.68 1.08
N TYR A 23 4.88 -3.31 0.45
CA TYR A 23 4.45 -2.93 -0.89
C TYR A 23 2.98 -2.56 -0.91
N PHE A 24 2.63 -1.57 -1.73
CA PHE A 24 1.24 -1.13 -1.85
C PHE A 24 0.59 -1.70 -3.10
N VAL A 25 -0.70 -1.99 -3.00
CA VAL A 25 -1.45 -2.54 -4.13
C VAL A 25 -2.58 -1.61 -4.55
N ASP A 26 -2.65 -1.33 -5.84
CA ASP A 26 -3.69 -0.45 -6.37
C ASP A 26 -4.85 -1.26 -6.94
N HIS A 27 -6.07 -0.85 -6.61
CA HIS A 27 -7.27 -1.53 -7.07
C HIS A 27 -7.85 -0.84 -8.29
N ASN A 28 -7.87 0.49 -8.25
CA ASN A 28 -8.40 1.28 -9.36
C ASN A 28 -7.73 0.90 -10.67
N ARG A 29 -6.40 0.89 -10.67
CA ARG A 29 -5.64 0.54 -11.87
C ARG A 29 -5.25 -0.94 -11.85
N ARG A 30 -5.35 -1.56 -10.68
CA ARG A 30 -5.01 -2.97 -10.54
C ARG A 30 -3.53 -3.21 -10.82
N THR A 31 -2.69 -2.30 -10.34
CA THR A 31 -1.25 -2.40 -10.53
C THR A 31 -0.51 -2.44 -9.19
N THR A 32 0.72 -2.94 -9.22
CA THR A 32 1.53 -3.04 -8.01
C THR A 32 2.81 -2.23 -8.14
N THR A 33 3.02 -1.32 -7.20
CA THR A 33 4.21 -0.47 -7.20
C THR A 33 4.83 -0.39 -5.82
N TYR A 34 6.14 -0.60 -5.74
CA TYR A 34 6.86 -0.55 -4.48
C TYR A 34 6.79 0.85 -3.87
N ILE A 35 6.85 1.86 -4.73
CA ILE A 35 6.80 3.24 -4.27
C ILE A 35 5.49 3.54 -3.56
N ASP A 36 5.57 4.23 -2.43
CA ASP A 36 4.40 4.58 -1.66
C ASP A 36 3.60 5.69 -2.34
N PRO A 37 2.26 5.58 -2.29
CA PRO A 37 1.36 6.56 -2.90
C PRO A 37 1.38 7.90 -2.17
N ARG A 38 1.23 7.85 -0.85
CA ARG A 38 1.22 9.05 -0.03
C ARG A 38 2.17 10.11 -0.61
N THR A 39 3.46 9.82 -0.57
CA THR A 39 4.47 10.74 -1.08
C THR A 39 4.39 10.85 -2.60
N GLY A 40 3.98 9.76 -3.24
CA GLY A 40 3.87 9.74 -4.69
C GLY A 40 2.44 9.88 -5.16
N GLY A 1 -3.84 -5.50 16.36
CA GLY A 1 -3.02 -5.35 15.17
C GLY A 1 -1.75 -4.56 15.45
N SER A 2 -1.67 -3.35 14.91
CA SER A 2 -0.50 -2.50 15.10
C SER A 2 -0.91 -1.07 15.43
N SER A 3 -0.07 -0.39 16.22
CA SER A 3 -0.35 0.98 16.62
C SER A 3 0.02 1.96 15.50
N GLY A 4 1.18 1.74 14.89
CA GLY A 4 1.63 2.61 13.82
C GLY A 4 0.68 2.61 12.64
N SER A 5 -0.32 3.51 12.68
CA SER A 5 -1.30 3.61 11.61
C SER A 5 -0.75 4.40 10.44
N SER A 6 -1.37 4.25 9.27
CA SER A 6 -0.95 4.95 8.07
C SER A 6 -2.10 5.72 7.45
N GLY A 7 -1.78 6.56 6.47
CA GLY A 7 -2.82 7.34 5.80
C GLY A 7 -2.76 7.22 4.29
N LEU A 8 -3.33 6.14 3.77
CA LEU A 8 -3.33 5.90 2.33
C LEU A 8 -4.65 6.36 1.71
N PRO A 9 -4.60 6.73 0.42
CA PRO A 9 -5.77 7.20 -0.31
C PRO A 9 -6.77 6.08 -0.58
N GLU A 10 -7.86 6.42 -1.26
CA GLU A 10 -8.89 5.43 -1.58
C GLU A 10 -8.43 4.51 -2.71
N GLY A 11 -8.53 3.21 -2.47
CA GLY A 11 -8.13 2.23 -3.47
C GLY A 11 -6.75 1.64 -3.18
N TRP A 12 -5.85 2.48 -2.70
CA TRP A 12 -4.50 2.04 -2.39
C TRP A 12 -4.48 1.16 -1.15
N GLU A 13 -3.78 0.04 -1.23
CA GLU A 13 -3.69 -0.90 -0.11
C GLU A 13 -2.24 -1.16 0.27
N MET A 14 -2.04 -1.83 1.39
CA MET A 14 -0.69 -2.15 1.87
C MET A 14 -0.59 -3.63 2.24
N ARG A 15 0.51 -4.25 1.83
CA ARG A 15 0.74 -5.67 2.12
C ARG A 15 2.22 -5.98 2.19
N PHE A 16 2.55 -7.22 2.55
CA PHE A 16 3.94 -7.65 2.65
C PHE A 16 4.13 -9.05 2.08
N THR A 17 5.16 -9.20 1.25
CA THR A 17 5.45 -10.49 0.63
C THR A 17 5.93 -11.51 1.65
N VAL A 18 6.04 -12.76 1.24
CA VAL A 18 6.49 -13.83 2.13
C VAL A 18 7.79 -13.44 2.83
N ASP A 19 8.55 -12.56 2.20
CA ASP A 19 9.82 -12.11 2.77
C ASP A 19 9.59 -10.99 3.78
N GLY A 20 8.55 -10.20 3.56
CA GLY A 20 8.25 -9.11 4.46
C GLY A 20 8.53 -7.75 3.85
N ILE A 21 8.39 -7.66 2.53
CA ILE A 21 8.63 -6.41 1.81
C ILE A 21 7.35 -5.58 1.72
N PRO A 22 7.41 -4.34 2.23
CA PRO A 22 6.28 -3.42 2.21
C PRO A 22 5.96 -2.92 0.80
N TYR A 23 4.80 -3.34 0.29
CA TYR A 23 4.37 -2.93 -1.05
C TYR A 23 2.89 -2.58 -1.07
N PHE A 24 2.52 -1.62 -1.91
CA PHE A 24 1.14 -1.18 -2.02
C PHE A 24 0.50 -1.75 -3.28
N VAL A 25 -0.80 -2.03 -3.20
CA VAL A 25 -1.53 -2.57 -4.34
C VAL A 25 -2.77 -1.73 -4.65
N ASP A 26 -2.92 -1.38 -5.93
CA ASP A 26 -4.06 -0.57 -6.36
C ASP A 26 -5.16 -1.46 -6.93
N HIS A 27 -6.37 -1.29 -6.41
CA HIS A 27 -7.51 -2.08 -6.86
C HIS A 27 -8.08 -1.50 -8.16
N ASN A 28 -8.30 -0.19 -8.17
CA ASN A 28 -8.84 0.48 -9.34
C ASN A 28 -7.87 0.41 -10.52
N ARG A 29 -6.60 0.71 -10.25
CA ARG A 29 -5.57 0.67 -11.28
C ARG A 29 -5.13 -0.76 -11.55
N ARG A 30 -5.38 -1.65 -10.59
CA ARG A 30 -5.01 -3.05 -10.72
C ARG A 30 -3.50 -3.19 -10.95
N THR A 31 -2.73 -2.32 -10.30
CA THR A 31 -1.27 -2.34 -10.43
C THR A 31 -0.59 -2.19 -9.07
N THR A 32 0.70 -2.50 -9.03
CA THR A 32 1.46 -2.39 -7.79
C THR A 32 2.81 -1.73 -8.03
N THR A 33 3.27 -0.95 -7.05
CA THR A 33 4.54 -0.26 -7.15
C THR A 33 5.17 -0.07 -5.78
N TYR A 34 6.48 -0.25 -5.71
CA TYR A 34 7.22 -0.10 -4.45
C TYR A 34 7.11 1.33 -3.94
N ILE A 35 7.09 2.28 -4.85
CA ILE A 35 6.99 3.69 -4.49
C ILE A 35 5.78 3.95 -3.60
N ASP A 36 5.98 4.73 -2.55
CA ASP A 36 4.90 5.06 -1.62
C ASP A 36 3.97 6.10 -2.22
N PRO A 37 2.66 5.89 -2.05
CA PRO A 37 1.63 6.79 -2.57
C PRO A 37 1.61 8.13 -1.82
N ARG A 38 2.06 8.11 -0.58
CA ARG A 38 2.10 9.32 0.24
C ARG A 38 3.38 10.11 -0.02
N THR A 39 4.47 9.40 -0.25
CA THR A 39 5.76 10.03 -0.50
C THR A 39 6.65 9.16 -1.38
N GLY A 40 6.75 9.51 -2.66
CA GLY A 40 7.57 8.75 -3.58
C GLY A 40 7.01 8.76 -4.99
N GLY A 1 -9.30 0.64 19.33
CA GLY A 1 -8.34 -0.08 18.53
C GLY A 1 -7.03 0.67 18.36
N SER A 2 -5.92 -0.04 18.51
CA SER A 2 -4.61 0.57 18.38
C SER A 2 -4.43 1.18 16.99
N SER A 3 -3.61 2.23 16.92
CA SER A 3 -3.36 2.91 15.65
C SER A 3 -1.99 2.53 15.09
N GLY A 4 -1.91 2.45 13.77
CA GLY A 4 -0.65 2.09 13.12
C GLY A 4 -0.77 2.08 11.61
N SER A 5 -1.19 3.20 11.04
CA SER A 5 -1.35 3.32 9.59
C SER A 5 -0.48 4.44 9.05
N SER A 6 0.21 4.16 7.94
CA SER A 6 1.08 5.16 7.32
C SER A 6 0.29 6.38 6.87
N GLY A 7 -0.69 6.15 6.00
CA GLY A 7 -1.51 7.24 5.50
C GLY A 7 -1.73 7.17 4.01
N LEU A 8 -1.97 5.96 3.50
CA LEU A 8 -2.20 5.76 2.08
C LEU A 8 -3.57 6.29 1.66
N PRO A 9 -3.71 6.62 0.37
CA PRO A 9 -4.97 7.13 -0.18
C PRO A 9 -6.06 6.08 -0.23
N GLU A 10 -7.27 6.49 -0.59
CA GLU A 10 -8.40 5.58 -0.67
C GLU A 10 -8.18 4.54 -1.78
N GLY A 11 -8.64 3.32 -1.53
CA GLY A 11 -8.49 2.26 -2.52
C GLY A 11 -7.14 1.58 -2.42
N TRP A 12 -6.10 2.35 -2.16
CA TRP A 12 -4.76 1.81 -2.04
C TRP A 12 -4.61 0.98 -0.77
N GLU A 13 -4.11 -0.25 -0.93
CA GLU A 13 -3.93 -1.15 0.20
C GLU A 13 -2.44 -1.37 0.48
N MET A 14 -2.15 -1.95 1.64
CA MET A 14 -0.76 -2.22 2.03
C MET A 14 -0.59 -3.67 2.47
N ARG A 15 0.32 -4.38 1.81
CA ARG A 15 0.58 -5.78 2.13
C ARG A 15 2.08 -6.06 2.13
N PHE A 16 2.45 -7.30 2.50
CA PHE A 16 3.84 -7.70 2.54
C PHE A 16 4.05 -9.02 1.82
N THR A 17 5.11 -9.09 1.01
CA THR A 17 5.42 -10.30 0.26
C THR A 17 5.86 -11.43 1.19
N VAL A 18 5.81 -12.66 0.68
CA VAL A 18 6.20 -13.82 1.47
C VAL A 18 7.46 -13.54 2.28
N ASP A 19 8.34 -12.74 1.71
CA ASP A 19 9.60 -12.40 2.37
C ASP A 19 9.35 -11.43 3.53
N GLY A 20 8.42 -10.49 3.31
CA GLY A 20 8.10 -9.52 4.35
C GLY A 20 8.53 -8.12 3.97
N ILE A 21 8.28 -7.74 2.71
CA ILE A 21 8.65 -6.42 2.23
C ILE A 21 7.43 -5.49 2.17
N PRO A 22 7.62 -4.24 2.59
CA PRO A 22 6.56 -3.23 2.59
C PRO A 22 6.15 -2.81 1.18
N TYR A 23 5.00 -3.30 0.73
CA TYR A 23 4.50 -2.97 -0.60
C TYR A 23 3.01 -2.67 -0.57
N PHE A 24 2.54 -1.95 -1.58
CA PHE A 24 1.11 -1.60 -1.67
C PHE A 24 0.48 -2.22 -2.91
N VAL A 25 -0.83 -2.09 -3.02
CA VAL A 25 -1.57 -2.63 -4.15
C VAL A 25 -2.71 -1.71 -4.57
N ASP A 26 -2.79 -1.42 -5.85
CA ASP A 26 -3.84 -0.54 -6.38
C ASP A 26 -4.98 -1.37 -6.97
N HIS A 27 -6.14 -1.30 -6.32
CA HIS A 27 -7.32 -2.03 -6.79
C HIS A 27 -7.87 -1.43 -8.07
N ASN A 28 -8.07 -0.12 -8.07
CA ASN A 28 -8.60 0.58 -9.23
C ASN A 28 -7.66 0.43 -10.43
N ARG A 29 -6.37 0.68 -10.21
CA ARG A 29 -5.37 0.57 -11.26
C ARG A 29 -4.97 -0.89 -11.48
N ARG A 30 -5.15 -1.70 -10.44
CA ARG A 30 -4.79 -3.12 -10.52
C ARG A 30 -3.31 -3.30 -10.81
N THR A 31 -2.48 -2.50 -10.15
CA THR A 31 -1.04 -2.57 -10.33
C THR A 31 -0.32 -2.55 -8.99
N THR A 32 0.97 -2.89 -9.02
CA THR A 32 1.78 -2.92 -7.81
C THR A 32 3.00 -2.01 -7.93
N THR A 33 3.18 -1.12 -6.97
CA THR A 33 4.31 -0.20 -6.98
C THR A 33 4.91 -0.04 -5.59
N TYR A 34 6.22 0.12 -5.52
CA TYR A 34 6.91 0.29 -4.24
C TYR A 34 6.93 1.76 -3.82
N ILE A 35 6.99 2.64 -4.81
CA ILE A 35 7.01 4.08 -4.54
C ILE A 35 5.69 4.55 -3.96
N ASP A 36 5.73 5.09 -2.75
CA ASP A 36 4.53 5.58 -2.08
C ASP A 36 3.99 6.81 -2.80
N PRO A 37 2.77 6.69 -3.34
CA PRO A 37 2.11 7.79 -4.06
C PRO A 37 1.69 8.93 -3.12
N ARG A 38 1.26 8.57 -1.91
CA ARG A 38 0.83 9.55 -0.94
C ARG A 38 1.91 10.62 -0.73
N THR A 39 3.17 10.19 -0.71
CA THR A 39 4.29 11.10 -0.52
C THR A 39 4.89 11.51 -1.87
N GLY A 40 4.93 10.56 -2.79
CA GLY A 40 5.50 10.84 -4.11
C GLY A 40 4.54 11.62 -4.99
N GLY A 1 -11.66 5.97 12.44
CA GLY A 1 -10.62 4.99 12.72
C GLY A 1 -9.33 5.62 13.19
N SER A 2 -9.23 5.85 14.50
CA SER A 2 -8.04 6.47 15.07
C SER A 2 -6.83 5.55 14.94
N SER A 3 -7.04 4.27 15.22
CA SER A 3 -5.96 3.29 15.14
C SER A 3 -5.43 3.19 13.71
N GLY A 4 -4.15 3.53 13.54
CA GLY A 4 -3.54 3.48 12.22
C GLY A 4 -2.79 4.74 11.87
N SER A 5 -1.48 4.73 12.09
CA SER A 5 -0.65 5.89 11.81
C SER A 5 -0.55 6.14 10.31
N SER A 6 -0.63 5.06 9.53
CA SER A 6 -0.55 5.18 8.08
C SER A 6 -1.65 6.08 7.53
N GLY A 7 -1.54 6.42 6.25
CA GLY A 7 -2.54 7.28 5.64
C GLY A 7 -2.55 7.16 4.12
N LEU A 8 -2.78 5.94 3.63
CA LEU A 8 -2.82 5.70 2.20
C LEU A 8 -4.08 6.29 1.58
N PRO A 9 -4.00 6.62 0.28
CA PRO A 9 -5.13 7.18 -0.46
C PRO A 9 -6.25 6.18 -0.68
N GLU A 10 -7.35 6.64 -1.26
CA GLU A 10 -8.50 5.78 -1.52
C GLU A 10 -8.19 4.80 -2.66
N GLY A 11 -8.37 3.52 -2.39
CA GLY A 11 -8.11 2.51 -3.41
C GLY A 11 -6.81 1.76 -3.17
N TRP A 12 -5.78 2.49 -2.75
CA TRP A 12 -4.48 1.88 -2.47
C TRP A 12 -4.52 1.05 -1.21
N GLU A 13 -3.87 -0.11 -1.25
CA GLU A 13 -3.83 -1.01 -0.09
C GLU A 13 -2.39 -1.35 0.28
N MET A 14 -2.20 -1.76 1.53
CA MET A 14 -0.87 -2.13 2.01
C MET A 14 -0.77 -3.63 2.25
N ARG A 15 0.35 -4.22 1.88
CA ARG A 15 0.58 -5.65 2.06
C ARG A 15 2.07 -5.98 2.09
N PHE A 16 2.39 -7.21 2.50
CA PHE A 16 3.77 -7.65 2.57
C PHE A 16 3.96 -8.99 1.89
N THR A 17 4.98 -9.08 1.04
CA THR A 17 5.26 -10.31 0.31
C THR A 17 5.75 -11.41 1.26
N VAL A 18 5.76 -12.64 0.77
CA VAL A 18 6.22 -13.78 1.57
C VAL A 18 7.48 -13.43 2.35
N ASP A 19 8.31 -12.58 1.76
CA ASP A 19 9.56 -12.18 2.39
C ASP A 19 9.30 -11.18 3.53
N GLY A 20 8.31 -10.31 3.32
CA GLY A 20 7.98 -9.32 4.33
C GLY A 20 8.38 -7.92 3.92
N ILE A 21 8.17 -7.58 2.66
CA ILE A 21 8.52 -6.25 2.15
C ILE A 21 7.30 -5.35 2.07
N PRO A 22 7.46 -4.10 2.55
CA PRO A 22 6.37 -3.12 2.56
C PRO A 22 6.02 -2.65 1.15
N TYR A 23 5.05 -3.31 0.54
CA TYR A 23 4.61 -2.96 -0.81
C TYR A 23 3.14 -2.58 -0.82
N PHE A 24 2.77 -1.68 -1.74
CA PHE A 24 1.38 -1.24 -1.86
C PHE A 24 0.74 -1.78 -3.13
N VAL A 25 -0.54 -2.11 -3.04
CA VAL A 25 -1.27 -2.64 -4.19
C VAL A 25 -2.45 -1.75 -4.55
N ASP A 26 -2.55 -1.41 -5.84
CA ASP A 26 -3.64 -0.56 -6.31
C ASP A 26 -4.82 -1.40 -6.79
N HIS A 27 -5.88 -1.42 -5.99
CA HIS A 27 -7.07 -2.18 -6.32
C HIS A 27 -7.75 -1.62 -7.58
N ASN A 28 -7.82 -0.30 -7.65
CA ASN A 28 -8.45 0.38 -8.79
C ASN A 28 -7.59 0.21 -10.05
N ARG A 29 -6.40 0.79 -10.03
CA ARG A 29 -5.50 0.71 -11.17
C ARG A 29 -5.06 -0.74 -11.41
N ARG A 30 -5.25 -1.59 -10.40
CA ARG A 30 -4.88 -2.99 -10.51
C ARG A 30 -3.41 -3.13 -10.87
N THR A 31 -2.55 -2.35 -10.21
CA THR A 31 -1.12 -2.38 -10.45
C THR A 31 -0.34 -2.44 -9.15
N THR A 32 0.94 -2.81 -9.25
CA THR A 32 1.79 -2.91 -8.07
C THR A 32 3.03 -2.04 -8.22
N THR A 33 3.34 -1.27 -7.19
CA THR A 33 4.51 -0.39 -7.21
C THR A 33 5.07 -0.19 -5.80
N TYR A 34 6.40 -0.23 -5.70
CA TYR A 34 7.06 -0.05 -4.41
C TYR A 34 6.92 1.38 -3.91
N ILE A 35 6.91 2.32 -4.85
CA ILE A 35 6.77 3.74 -4.52
C ILE A 35 5.50 3.99 -3.72
N ASP A 36 5.58 4.91 -2.75
CA ASP A 36 4.43 5.25 -1.92
C ASP A 36 3.68 6.44 -2.49
N PRO A 37 2.38 6.25 -2.75
CA PRO A 37 1.52 7.30 -3.30
C PRO A 37 1.26 8.43 -2.30
N ARG A 38 1.05 8.06 -1.04
CA ARG A 38 0.80 9.04 0.00
C ARG A 38 2.02 9.92 0.24
N THR A 39 3.19 9.29 0.34
CA THR A 39 4.43 10.01 0.56
C THR A 39 5.64 9.20 0.11
N GLY A 40 6.22 9.58 -1.02
CA GLY A 40 7.38 8.87 -1.54
C GLY A 40 8.38 9.79 -2.20
#